data_2MMS
# 
_entry.id   2MMS 
# 
_audit_conform.dict_name       mmcif_pdbx.dic 
_audit_conform.dict_version    5.391 
_audit_conform.dict_location   http://mmcif.pdb.org/dictionaries/ascii/mmcif_pdbx.dic 
# 
loop_
_database_2.database_code 
_database_2.database_id 
_database_2.pdbx_database_accession 
_database_2.pdbx_DOI 
RCSB103801   RCSB  ?            ?                   
2MMS         PDB   pdb_00002mms 10.2210/pdb2mms/pdb 
19863        BMRB  ?            10.13018/BMR19863   
D_1000103801 WWPDB ?            ?                   
# 
loop_
_pdbx_audit_revision_history.ordinal 
_pdbx_audit_revision_history.data_content_type 
_pdbx_audit_revision_history.major_revision 
_pdbx_audit_revision_history.minor_revision 
_pdbx_audit_revision_history.revision_date 
1 'Structure model' 1 0 2015-02-25 
2 'Structure model' 1 1 2015-12-23 
3 'Structure model' 1 2 2024-05-01 
# 
_pdbx_audit_revision_details.ordinal             1 
_pdbx_audit_revision_details.revision_ordinal    1 
_pdbx_audit_revision_details.data_content_type   'Structure model' 
_pdbx_audit_revision_details.provider            repository 
_pdbx_audit_revision_details.type                'Initial release' 
_pdbx_audit_revision_details.description         ? 
_pdbx_audit_revision_details.details             ? 
# 
loop_
_pdbx_audit_revision_group.ordinal 
_pdbx_audit_revision_group.revision_ordinal 
_pdbx_audit_revision_group.data_content_type 
_pdbx_audit_revision_group.group 
1 2 'Structure model' 'Database references'  
2 3 'Structure model' 'Data collection'      
3 3 'Structure model' 'Database references'  
4 3 'Structure model' 'Derived calculations' 
# 
loop_
_pdbx_audit_revision_category.ordinal 
_pdbx_audit_revision_category.revision_ordinal 
_pdbx_audit_revision_category.data_content_type 
_pdbx_audit_revision_category.category 
1 3 'Structure model' chem_comp_atom        
2 3 'Structure model' chem_comp_bond        
3 3 'Structure model' database_2            
4 3 'Structure model' pdbx_nmr_software     
5 3 'Structure model' pdbx_nmr_spectrometer 
6 3 'Structure model' struct_conn           
# 
loop_
_pdbx_audit_revision_item.ordinal 
_pdbx_audit_revision_item.revision_ordinal 
_pdbx_audit_revision_item.data_content_type 
_pdbx_audit_revision_item.item 
1  3 'Structure model' '_database_2.pdbx_DOI'                
2  3 'Structure model' '_database_2.pdbx_database_accession' 
3  3 'Structure model' '_pdbx_nmr_software.name'             
4  3 'Structure model' '_pdbx_nmr_spectrometer.model'        
5  3 'Structure model' '_struct_conn.pdbx_dist_value'        
6  3 'Structure model' '_struct_conn.pdbx_leaving_atom_flag' 
7  3 'Structure model' '_struct_conn.ptnr1_auth_comp_id'     
8  3 'Structure model' '_struct_conn.ptnr1_auth_seq_id'      
9  3 'Structure model' '_struct_conn.ptnr1_label_comp_id'    
10 3 'Structure model' '_struct_conn.ptnr1_label_seq_id'     
11 3 'Structure model' '_struct_conn.ptnr2_auth_comp_id'     
12 3 'Structure model' '_struct_conn.ptnr2_auth_seq_id'      
13 3 'Structure model' '_struct_conn.ptnr2_label_comp_id'    
14 3 'Structure model' '_struct_conn.ptnr2_label_seq_id'     
# 
_pdbx_database_status.deposit_site                    BMRB 
_pdbx_database_status.entry_id                        2MMS 
_pdbx_database_status.process_site                    RCSB 
_pdbx_database_status.recvd_initial_deposition_date   2014-03-17 
_pdbx_database_status.SG_entry                        ? 
_pdbx_database_status.status_code                     REL 
_pdbx_database_status.status_code_mr                  REL 
_pdbx_database_status.status_code_sf                  ? 
_pdbx_database_status.status_code_cs                  REL 
_pdbx_database_status.methods_development_category    ? 
_pdbx_database_status.pdb_format_compatible           Y 
_pdbx_database_status.status_code_nmr_data            ? 
# 
_pdbx_database_related.db_id          19863 
_pdbx_database_related.db_name        BMRB 
_pdbx_database_related.content_type   unspecified 
_pdbx_database_related.details        . 
# 
loop_
_audit_author.name 
_audit_author.pdbx_ordinal 
'Li, L.'    1 
'Stone, M.' 2 
# 
_citation.id                        primary 
_citation.title                     
;DNA Sequence Modulates Geometrical Isomerism of the trans-8,9-Dihydro-8-(2,6-diamino-4-oxo-3,4-dihydropyrimid-5-yl-formamido)-9-hydroxy Aflatoxin B1 Adduct.
;
_citation.journal_abbrev            Chem.Res.Toxicol. 
_citation.journal_volume            28 
_citation.page_first                225 
_citation.page_last                 237 
_citation.year                      2015 
_citation.journal_id_ASTM           CRTOEC 
_citation.country                   US 
_citation.journal_id_ISSN           0893-228X 
_citation.journal_id_CSD            2140 
_citation.book_publisher            ? 
_citation.pdbx_database_id_PubMed   25587868 
_citation.pdbx_database_id_DOI      10.1021/tx5003832 
# 
loop_
_citation_author.citation_id 
_citation_author.name 
_citation_author.ordinal 
_citation_author.identifier_ORCID 
primary 'Li, L.'      1 ? 
primary 'Brown, K.L.' 2 ? 
primary 'Ma, R.'      3 ? 
primary 'Stone, M.P.' 4 ? 
# 
loop_
_entity.id 
_entity.type 
_entity.src_method 
_entity.pdbx_description 
_entity.formula_weight 
_entity.pdbx_number_of_molecules 
_entity.pdbx_ec 
_entity.pdbx_mutation 
_entity.pdbx_fragment 
_entity.details 
1 polymer syn "DNA_(5'-D(*CP*TP*AP*AP*(FAG)P*(7GU)P*TP*TP*CP*A)-3')" 3389.317 1 ? ? ? ? 
2 polymer syn "DNA_(5'-D(*TP*GP*AP*AP*CP*CP*TP*TP*AP*G)-3')"         3044.017 1 ? ? ? ? 
# 
loop_
_entity_poly.entity_id 
_entity_poly.type 
_entity_poly.nstd_linkage 
_entity_poly.nstd_monomer 
_entity_poly.pdbx_seq_one_letter_code 
_entity_poly.pdbx_seq_one_letter_code_can 
_entity_poly.pdbx_strand_id 
_entity_poly.pdbx_target_identifier 
1 polydeoxyribonucleotide no yes '(DC)(DT)(DA)(DA)(FAG)(7GU)(DT)(DT)(DC)(DA)' CTAANGTTCA A ? 
2 polydeoxyribonucleotide no no  '(DT)(DG)(DA)(DA)(DC)(DC)(DT)(DT)(DA)(DG)'   TGAACCTTAG B ? 
# 
loop_
_entity_poly_seq.entity_id 
_entity_poly_seq.num 
_entity_poly_seq.mon_id 
_entity_poly_seq.hetero 
1 1  DC  n 
1 2  DT  n 
1 3  DA  n 
1 4  DA  n 
1 5  FAG n 
1 6  7GU n 
1 7  DT  n 
1 8  DT  n 
1 9  DC  n 
1 10 DA  n 
2 1  DT  n 
2 2  DG  n 
2 3  DA  n 
2 4  DA  n 
2 5  DC  n 
2 6  DC  n 
2 7  DT  n 
2 8  DT  n 
2 9  DA  n 
2 10 DG  n 
# 
loop_
_chem_comp.id 
_chem_comp.type 
_chem_comp.mon_nstd_flag 
_chem_comp.name 
_chem_comp.pdbx_synonyms 
_chem_comp.formula 
_chem_comp.formula_weight 
7GU 'DNA linking' n "7-DEAZA-2'-DEOXYGUANOSINE-5'-MONOPHOSPHATE" ? 'C11 H15 N4 O7 P'  346.233 
DA  'DNA linking' y "2'-DEOXYADENOSINE-5'-MONOPHOSPHATE" ? 'C10 H14 N5 O6 P'  331.222 
DC  'DNA linking' y "2'-DEOXYCYTIDINE-5'-MONOPHOSPHATE" ? 'C9 H14 N3 O7 P'   307.197 
DG  'DNA linking' y "2'-DEOXYGUANOSINE-5'-MONOPHOSPHATE" ? 'C10 H14 N5 O7 P'  347.221 
DT  'DNA linking' y "THYMIDINE-5'-MONOPHOSPHATE" ? 'C10 H15 N2 O8 P'  322.208 
FAG 'DNA linking' . 
;[1',2'-DIDEOXY[2-AMINO-5-([9-HYDROXY-AFLATOXINB2-8-YL]-FORMYL-AMINO)-6-OXO-1,6-IHYDRO-PYRIMIDIN-4-YLAMINO]-RIBOFURANOSE]-5-MONOPHOSPHATE GROUP
;
? 'C27 H28 N5 O15 P' 693.509 
# 
loop_
_pdbx_poly_seq_scheme.asym_id 
_pdbx_poly_seq_scheme.entity_id 
_pdbx_poly_seq_scheme.seq_id 
_pdbx_poly_seq_scheme.mon_id 
_pdbx_poly_seq_scheme.ndb_seq_num 
_pdbx_poly_seq_scheme.pdb_seq_num 
_pdbx_poly_seq_scheme.auth_seq_num 
_pdbx_poly_seq_scheme.pdb_mon_id 
_pdbx_poly_seq_scheme.auth_mon_id 
_pdbx_poly_seq_scheme.pdb_strand_id 
_pdbx_poly_seq_scheme.pdb_ins_code 
_pdbx_poly_seq_scheme.hetero 
A 1 1  DC  1  1  1  DC  DC  A . n 
A 1 2  DT  2  2  2  DT  DT  A . n 
A 1 3  DA  3  3  3  DA  DA  A . n 
A 1 4  DA  4  4  4  DA  DA  A . n 
A 1 5  FAG 5  5  5  FAG FAG A . n 
A 1 6  7GU 6  6  6  7GU 7GU A . n 
A 1 7  DT  7  7  7  DT  DT  A . n 
A 1 8  DT  8  8  8  DT  DT  A . n 
A 1 9  DC  9  9  9  DC  DC  A . n 
A 1 10 DA  10 10 10 DA  DA  A . n 
B 2 1  DT  1  11 11 DT  DT  B . n 
B 2 2  DG  2  12 12 DG  DG  B . n 
B 2 3  DA  3  13 13 DA  DA  B . n 
B 2 4  DA  4  14 14 DA  DA  B . n 
B 2 5  DC  5  15 15 DC  DC  B . n 
B 2 6  DC  6  16 16 DC  DC  B . n 
B 2 7  DT  7  17 17 DT  DT  B . n 
B 2 8  DT  8  18 18 DT  DT  B . n 
B 2 9  DA  9  19 19 DA  DA  B . n 
B 2 10 DG  10 20 20 DG  DG  B . n 
# 
_cell.entry_id           2MMS 
_cell.length_a           1.000 
_cell.length_b           1.000 
_cell.length_c           1.000 
_cell.angle_alpha        90.00 
_cell.angle_beta         90.00 
_cell.angle_gamma        90.00 
_cell.Z_PDB              1 
_cell.pdbx_unique_axis   ? 
# 
_symmetry.entry_id                         2MMS 
_symmetry.space_group_name_H-M             'P 1' 
_symmetry.pdbx_full_space_group_name_H-M   ? 
_symmetry.cell_setting                     ? 
_symmetry.Int_Tables_number                1 
# 
_exptl.absorpt_coefficient_mu     ? 
_exptl.absorpt_correction_T_max   ? 
_exptl.absorpt_correction_T_min   ? 
_exptl.absorpt_correction_type    ? 
_exptl.absorpt_process_details    ? 
_exptl.crystals_number            ? 
_exptl.details                    ? 
_exptl.entry_id                   2MMS 
_exptl.method                     'SOLUTION NMR' 
_exptl.method_details             ? 
# 
_struct.entry_id                  2MMS 
_struct.title                     'AG(7-deaza)G FAPY modified duplex' 
_struct.pdbx_model_details        'closest to the average, model1' 
_struct.pdbx_CASP_flag            ? 
_struct.pdbx_model_type_details   ? 
# 
_struct_keywords.entry_id        2MMS 
_struct_keywords.pdbx_keywords   DNA 
_struct_keywords.text            
;Aflatoxin B1, FAPY, FORMAMIDOPYRIMIDINE, INTERCALATION, DNA ADDUCT, DEOXYRIBONUCLEIC ACID, HYDROGEN BOND, SEQUENCE DEPENDENCE, AG(7-deaza)G, DNA
;
# 
loop_
_struct_asym.id 
_struct_asym.pdbx_blank_PDB_chainid_flag 
_struct_asym.pdbx_modified 
_struct_asym.entity_id 
_struct_asym.details 
A N N 1 ? 
B N N 2 ? 
# 
loop_
_struct_ref.id 
_struct_ref.db_name 
_struct_ref.db_code 
_struct_ref.pdbx_db_accession 
_struct_ref.entity_id 
_struct_ref.pdbx_align_begin 
_struct_ref.pdbx_seq_one_letter_code 
_struct_ref.pdbx_db_isoform 
1 PDB 2MMS 2MMS 1 ? ? ? 
2 PDB 2MMS 2MMS 2 ? ? ? 
# 
loop_
_struct_ref_seq.align_id 
_struct_ref_seq.ref_id 
_struct_ref_seq.pdbx_PDB_id_code 
_struct_ref_seq.pdbx_strand_id 
_struct_ref_seq.seq_align_beg 
_struct_ref_seq.pdbx_seq_align_beg_ins_code 
_struct_ref_seq.seq_align_end 
_struct_ref_seq.pdbx_seq_align_end_ins_code 
_struct_ref_seq.pdbx_db_accession 
_struct_ref_seq.db_align_beg 
_struct_ref_seq.pdbx_db_align_beg_ins_code 
_struct_ref_seq.db_align_end 
_struct_ref_seq.pdbx_db_align_end_ins_code 
_struct_ref_seq.pdbx_auth_seq_align_beg 
_struct_ref_seq.pdbx_auth_seq_align_end 
1 1 2MMS A 1 ? 10 ? 2MMS 1  ? 10 ? 1  10 
2 2 2MMS B 1 ? 10 ? 2MMS 11 ? 20 ? 11 20 
# 
_pdbx_struct_assembly.id                   1 
_pdbx_struct_assembly.details              author_defined_assembly 
_pdbx_struct_assembly.method_details       ? 
_pdbx_struct_assembly.oligomeric_details   dimeric 
_pdbx_struct_assembly.oligomeric_count     2 
# 
_pdbx_struct_assembly_gen.assembly_id       1 
_pdbx_struct_assembly_gen.oper_expression   1 
_pdbx_struct_assembly_gen.asym_id_list      A,B 
# 
_pdbx_struct_oper_list.id                   1 
_pdbx_struct_oper_list.type                 'identity operation' 
_pdbx_struct_oper_list.name                 1_555 
_pdbx_struct_oper_list.symmetry_operation   x,y,z 
_pdbx_struct_oper_list.matrix[1][1]         1.0000000000 
_pdbx_struct_oper_list.matrix[1][2]         0.0000000000 
_pdbx_struct_oper_list.matrix[1][3]         0.0000000000 
_pdbx_struct_oper_list.vector[1]            0.0000000000 
_pdbx_struct_oper_list.matrix[2][1]         0.0000000000 
_pdbx_struct_oper_list.matrix[2][2]         1.0000000000 
_pdbx_struct_oper_list.matrix[2][3]         0.0000000000 
_pdbx_struct_oper_list.vector[2]            0.0000000000 
_pdbx_struct_oper_list.matrix[3][1]         0.0000000000 
_pdbx_struct_oper_list.matrix[3][2]         0.0000000000 
_pdbx_struct_oper_list.matrix[3][3]         1.0000000000 
_pdbx_struct_oper_list.vector[3]            0.0000000000 
# 
_struct_biol.id        1 
_struct_biol.details   ? 
# 
loop_
_struct_conn.id 
_struct_conn.conn_type_id 
_struct_conn.pdbx_leaving_atom_flag 
_struct_conn.pdbx_PDB_id 
_struct_conn.ptnr1_label_asym_id 
_struct_conn.ptnr1_label_comp_id 
_struct_conn.ptnr1_label_seq_id 
_struct_conn.ptnr1_label_atom_id 
_struct_conn.pdbx_ptnr1_label_alt_id 
_struct_conn.pdbx_ptnr1_PDB_ins_code 
_struct_conn.pdbx_ptnr1_standard_comp_id 
_struct_conn.ptnr1_symmetry 
_struct_conn.ptnr2_label_asym_id 
_struct_conn.ptnr2_label_comp_id 
_struct_conn.ptnr2_label_seq_id 
_struct_conn.ptnr2_label_atom_id 
_struct_conn.pdbx_ptnr2_label_alt_id 
_struct_conn.pdbx_ptnr2_PDB_ins_code 
_struct_conn.ptnr1_auth_asym_id 
_struct_conn.ptnr1_auth_comp_id 
_struct_conn.ptnr1_auth_seq_id 
_struct_conn.ptnr2_auth_asym_id 
_struct_conn.ptnr2_auth_comp_id 
_struct_conn.ptnr2_auth_seq_id 
_struct_conn.ptnr2_symmetry 
_struct_conn.pdbx_ptnr3_label_atom_id 
_struct_conn.pdbx_ptnr3_label_seq_id 
_struct_conn.pdbx_ptnr3_label_comp_id 
_struct_conn.pdbx_ptnr3_label_asym_id 
_struct_conn.pdbx_ptnr3_label_alt_id 
_struct_conn.pdbx_ptnr3_PDB_ins_code 
_struct_conn.details 
_struct_conn.pdbx_dist_value 
_struct_conn.pdbx_value_order 
_struct_conn.pdbx_role 
covale1  covale both ? A DA  4  "O3'" ? ? ? 1_555 A FAG 5  P  ? ? A DA  4  A FAG 5  1_555 ? ? ? ? ? ? ?            1.650 ? ? 
covale2  covale one  ? A FAG 5  "O3'" ? ? ? 1_555 A 7GU 6  P  ? ? A FAG 5  A 7GU 6  1_555 ? ? ? ? ? ? ?            1.643 ? ? 
covale3  covale both ? A 7GU 6  "O3'" ? ? ? 1_555 A DT  7  P  ? ? A 7GU 6  A DT  7  1_555 ? ? ? ? ? ? ?            1.604 ? ? 
hydrog1  hydrog ?    ? A DC  1  N3    ? ? ? 1_555 B DG  10 N1 ? ? A DC  1  B DG  20 1_555 ? ? ? ? ? ? WATSON-CRICK ?     ? ? 
hydrog2  hydrog ?    ? A DC  1  N4    ? ? ? 1_555 B DG  10 O6 ? ? A DC  1  B DG  20 1_555 ? ? ? ? ? ? WATSON-CRICK ?     ? ? 
hydrog3  hydrog ?    ? A DC  1  O2    ? ? ? 1_555 B DG  10 N2 ? ? A DC  1  B DG  20 1_555 ? ? ? ? ? ? WATSON-CRICK ?     ? ? 
hydrog4  hydrog ?    ? A DT  2  N3    ? ? ? 1_555 B DA  9  N1 ? ? A DT  2  B DA  19 1_555 ? ? ? ? ? ? WATSON-CRICK ?     ? ? 
hydrog5  hydrog ?    ? A DT  2  O4    ? ? ? 1_555 B DA  9  N6 ? ? A DT  2  B DA  19 1_555 ? ? ? ? ? ? WATSON-CRICK ?     ? ? 
hydrog6  hydrog ?    ? A DA  3  N1    ? ? ? 1_555 B DT  8  N3 ? ? A DA  3  B DT  18 1_555 ? ? ? ? ? ? WATSON-CRICK ?     ? ? 
hydrog7  hydrog ?    ? A DA  3  N6    ? ? ? 1_555 B DT  8  O4 ? ? A DA  3  B DT  18 1_555 ? ? ? ? ? ? WATSON-CRICK ?     ? ? 
hydrog8  hydrog ?    ? A DA  4  N1    ? ? ? 1_555 B DT  7  N3 ? ? A DA  4  B DT  17 1_555 ? ? ? ? ? ? WATSON-CRICK ?     ? ? 
hydrog9  hydrog ?    ? A DA  4  N6    ? ? ? 1_555 B DT  7  O4 ? ? A DA  4  B DT  17 1_555 ? ? ? ? ? ? WATSON-CRICK ?     ? ? 
hydrog10 hydrog ?    ? A DT  7  N3    ? ? ? 1_555 B DA  4  N1 ? ? A DT  7  B DA  14 1_555 ? ? ? ? ? ? WATSON-CRICK ?     ? ? 
hydrog11 hydrog ?    ? A DT  7  O4    ? ? ? 1_555 B DA  4  N6 ? ? A DT  7  B DA  14 1_555 ? ? ? ? ? ? WATSON-CRICK ?     ? ? 
hydrog12 hydrog ?    ? A DT  8  N3    ? ? ? 1_555 B DA  3  N1 ? ? A DT  8  B DA  13 1_555 ? ? ? ? ? ? WATSON-CRICK ?     ? ? 
hydrog13 hydrog ?    ? A DT  8  O4    ? ? ? 1_555 B DA  3  N6 ? ? A DT  8  B DA  13 1_555 ? ? ? ? ? ? WATSON-CRICK ?     ? ? 
hydrog14 hydrog ?    ? A DC  9  N3    ? ? ? 1_555 B DG  2  N1 ? ? A DC  9  B DG  12 1_555 ? ? ? ? ? ? WATSON-CRICK ?     ? ? 
hydrog15 hydrog ?    ? A DC  9  N4    ? ? ? 1_555 B DG  2  O6 ? ? A DC  9  B DG  12 1_555 ? ? ? ? ? ? WATSON-CRICK ?     ? ? 
hydrog16 hydrog ?    ? A DC  9  O2    ? ? ? 1_555 B DG  2  N2 ? ? A DC  9  B DG  12 1_555 ? ? ? ? ? ? WATSON-CRICK ?     ? ? 
hydrog17 hydrog ?    ? A DA  10 N1    ? ? ? 1_555 B DT  1  N3 ? ? A DA  10 B DT  11 1_555 ? ? ? ? ? ? WATSON-CRICK ?     ? ? 
hydrog18 hydrog ?    ? A DA  10 N6    ? ? ? 1_555 B DT  1  O4 ? ? A DA  10 B DT  11 1_555 ? ? ? ? ? ? WATSON-CRICK ?     ? ? 
# 
loop_
_struct_conn_type.id 
_struct_conn_type.criteria 
_struct_conn_type.reference 
covale ? ? 
hydrog ? ? 
# 
loop_
_pdbx_validate_rmsd_bond.id 
_pdbx_validate_rmsd_bond.PDB_model_num 
_pdbx_validate_rmsd_bond.auth_atom_id_1 
_pdbx_validate_rmsd_bond.auth_asym_id_1 
_pdbx_validate_rmsd_bond.auth_comp_id_1 
_pdbx_validate_rmsd_bond.auth_seq_id_1 
_pdbx_validate_rmsd_bond.PDB_ins_code_1 
_pdbx_validate_rmsd_bond.label_alt_id_1 
_pdbx_validate_rmsd_bond.auth_atom_id_2 
_pdbx_validate_rmsd_bond.auth_asym_id_2 
_pdbx_validate_rmsd_bond.auth_comp_id_2 
_pdbx_validate_rmsd_bond.auth_seq_id_2 
_pdbx_validate_rmsd_bond.PDB_ins_code_2 
_pdbx_validate_rmsd_bond.label_alt_id_2 
_pdbx_validate_rmsd_bond.bond_value 
_pdbx_validate_rmsd_bond.bond_target_value 
_pdbx_validate_rmsd_bond.bond_deviation 
_pdbx_validate_rmsd_bond.bond_standard_deviation 
_pdbx_validate_rmsd_bond.linker_flag 
1  1 "C5'" A DT 2  ? ? "C4'" A DT 2  ? ? 1.577 1.512 0.065 0.007 N 
2  1 C5    A DT 2  ? ? C7    A DT 2  ? ? 1.536 1.496 0.040 0.006 N 
3  1 "C5'" A DA 3  ? ? "C4'" A DA 3  ? ? 1.556 1.512 0.044 0.007 N 
4  1 C5    A DA 3  ? ? N7    A DA 3  ? ? 1.425 1.388 0.037 0.006 N 
5  1 "C5'" A DA 4  ? ? "C4'" A DA 4  ? ? 1.567 1.512 0.055 0.007 N 
6  1 N3    A DA 4  ? ? C4    A DA 4  ? ? 1.385 1.344 0.041 0.006 N 
7  1 C5    A DT 7  ? ? C6    A DT 7  ? ? 1.385 1.339 0.046 0.007 N 
8  1 "C5'" A DT 8  ? ? "C4'" A DT 8  ? ? 1.581 1.512 0.069 0.007 N 
9  1 "C5'" B DT 11 ? ? "C4'" B DT 11 ? ? 1.570 1.512 0.058 0.007 N 
10 1 N1    B DT 11 ? ? C2    B DT 11 ? ? 1.425 1.376 0.049 0.008 N 
11 1 C5    B DT 11 ? ? C7    B DT 11 ? ? 1.539 1.496 0.043 0.006 N 
12 1 "C2'" B DA 13 ? ? "C1'" B DA 13 ? ? 1.579 1.519 0.060 0.010 N 
13 1 "C5'" B DC 15 ? ? "C4'" B DC 15 ? ? 1.555 1.512 0.043 0.007 N 
14 1 C5    B DC 16 ? ? C6    B DC 16 ? ? 1.396 1.339 0.057 0.008 N 
15 1 C5    B DT 17 ? ? C7    B DT 17 ? ? 1.545 1.496 0.049 0.006 N 
16 1 C5    B DT 18 ? ? C7    B DT 18 ? ? 1.562 1.496 0.066 0.006 N 
17 1 "C5'" B DG 20 ? ? "C4'" B DG 20 ? ? 1.565 1.512 0.053 0.007 N 
# 
loop_
_pdbx_validate_rmsd_angle.id 
_pdbx_validate_rmsd_angle.PDB_model_num 
_pdbx_validate_rmsd_angle.auth_atom_id_1 
_pdbx_validate_rmsd_angle.auth_asym_id_1 
_pdbx_validate_rmsd_angle.auth_comp_id_1 
_pdbx_validate_rmsd_angle.auth_seq_id_1 
_pdbx_validate_rmsd_angle.PDB_ins_code_1 
_pdbx_validate_rmsd_angle.label_alt_id_1 
_pdbx_validate_rmsd_angle.auth_atom_id_2 
_pdbx_validate_rmsd_angle.auth_asym_id_2 
_pdbx_validate_rmsd_angle.auth_comp_id_2 
_pdbx_validate_rmsd_angle.auth_seq_id_2 
_pdbx_validate_rmsd_angle.PDB_ins_code_2 
_pdbx_validate_rmsd_angle.label_alt_id_2 
_pdbx_validate_rmsd_angle.auth_atom_id_3 
_pdbx_validate_rmsd_angle.auth_asym_id_3 
_pdbx_validate_rmsd_angle.auth_comp_id_3 
_pdbx_validate_rmsd_angle.auth_seq_id_3 
_pdbx_validate_rmsd_angle.PDB_ins_code_3 
_pdbx_validate_rmsd_angle.label_alt_id_3 
_pdbx_validate_rmsd_angle.angle_value 
_pdbx_validate_rmsd_angle.angle_target_value 
_pdbx_validate_rmsd_angle.angle_deviation 
_pdbx_validate_rmsd_angle.angle_standard_deviation 
_pdbx_validate_rmsd_angle.linker_flag 
1  1 "O4'" A DC 1  ? ? "C1'" A DC 1  ? ? N1    A DC 1  ? ? 115.17 108.30 6.87  0.30 N 
2  1 N1    A DC 1  ? ? C2    A DC 1  ? ? O2    A DC 1  ? ? 125.03 118.90 6.13  0.60 N 
3  1 N3    A DC 1  ? ? C2    A DC 1  ? ? O2    A DC 1  ? ? 115.50 121.90 -6.40 0.70 N 
4  1 "O4'" A DT 2  ? ? "C4'" A DT 2  ? ? "C3'" A DT 2  ? ? 110.29 106.00 4.29  0.60 N 
5  1 "O4'" A DA 3  ? ? "C1'" A DA 3  ? ? N9    A DA 3  ? ? 110.18 108.30 1.88  0.30 N 
6  1 C2    A DA 3  ? ? N3    A DA 3  ? ? C4    A DA 3  ? ? 113.89 110.60 3.29  0.50 N 
7  1 C5    A DA 3  ? ? C6    A DA 3  ? ? N1    A DA 3  ? ? 121.76 117.70 4.06  0.50 N 
8  1 N1    A DA 3  ? ? C6    A DA 3  ? ? N6    A DA 3  ? ? 111.58 118.60 -7.02 0.60 N 
9  1 "O4'" A DA 4  ? ? "C1'" A DA 4  ? ? N9    A DA 4  ? ? 103.70 108.00 -4.30 0.70 N 
10 1 C5    A DA 4  ? ? C6    A DA 4  ? ? N1    A DA 4  ? ? 123.21 117.70 5.51  0.50 N 
11 1 N1    A DA 4  ? ? C6    A DA 4  ? ? N6    A DA 4  ? ? 111.69 118.60 -6.91 0.60 N 
12 1 C4    A DT 8  ? ? C5    A DT 8  ? ? C6    A DT 8  ? ? 121.76 118.00 3.76  0.60 N 
13 1 C5    A DT 8  ? ? C6    A DT 8  ? ? N1    A DT 8  ? ? 119.99 123.70 -3.71 0.60 N 
14 1 C6    A DT 8  ? ? C5    A DT 8  ? ? C7    A DT 8  ? ? 117.33 122.90 -5.57 0.60 N 
15 1 "C3'" A DT 8  ? ? "O3'" A DT 8  ? ? P     A DC 9  ? ? 127.83 119.70 8.13  1.20 Y 
16 1 "O4'" A DC 9  ? ? "C4'" A DC 9  ? ? "C3'" A DC 9  ? ? 110.20 106.00 4.20  0.60 N 
17 1 "C4'" A DC 9  ? ? "C3'" A DC 9  ? ? "C2'" A DC 9  ? ? 95.23  102.20 -6.97 0.70 N 
18 1 C2    A DC 9  ? ? N3    A DC 9  ? ? C4    A DC 9  ? ? 115.83 119.90 -4.07 0.50 N 
19 1 N3    A DC 9  ? ? C4    A DC 9  ? ? C5    A DC 9  ? ? 126.80 121.90 4.90  0.40 N 
20 1 N1    A DC 9  ? ? C2    A DC 9  ? ? O2    A DC 9  ? ? 123.74 118.90 4.84  0.60 N 
21 1 N3    A DC 9  ? ? C2    A DC 9  ? ? O2    A DC 9  ? ? 115.65 121.90 -6.25 0.70 N 
22 1 "O4'" A DA 10 ? ? "C1'" A DA 10 ? ? N9    A DA 10 ? ? 110.31 108.30 2.01  0.30 N 
23 1 N1    A DA 10 ? ? C2    A DA 10 ? ? N3    A DA 10 ? ? 125.03 129.30 -4.27 0.50 N 
24 1 C2    A DA 10 ? ? N3    A DA 10 ? ? C4    A DA 10 ? ? 114.41 110.60 3.81  0.50 N 
25 1 C4    A DA 10 ? ? C5    A DA 10 ? ? C6    A DA 10 ? ? 112.33 117.00 -4.67 0.50 N 
26 1 C5    A DA 10 ? ? C6    A DA 10 ? ? N1    A DA 10 ? ? 121.27 117.70 3.57  0.50 N 
27 1 N1    A DA 10 ? ? C6    A DA 10 ? ? N6    A DA 10 ? ? 111.50 118.60 -7.10 0.60 N 
28 1 C4    B DT 11 ? ? C5    B DT 11 ? ? C6    B DT 11 ? ? 121.75 118.00 3.75  0.60 N 
29 1 C6    B DT 11 ? ? C5    B DT 11 ? ? C7    B DT 11 ? ? 117.27 122.90 -5.63 0.60 N 
30 1 "O4'" B DG 12 ? ? "C1'" B DG 12 ? ? N9    B DG 12 ? ? 110.64 108.30 2.34  0.30 N 
31 1 N1    B DG 12 ? ? C2    B DG 12 ? ? N3    B DG 12 ? ? 129.90 123.90 6.00  0.60 N 
32 1 N7    B DG 12 ? ? C8    B DG 12 ? ? N9    B DG 12 ? ? 117.22 113.10 4.12  0.50 N 
33 1 "O4'" B DA 13 ? ? "C4'" B DA 13 ? ? "C3'" B DA 13 ? ? 112.64 106.00 6.64  0.60 N 
34 1 C4    B DA 13 ? ? C5    B DA 13 ? ? C6    B DA 13 ? ? 113.74 117.00 -3.26 0.50 N 
35 1 N1    B DA 13 ? ? C6    B DA 13 ? ? N6    B DA 13 ? ? 111.47 118.60 -7.13 0.60 N 
36 1 "O4'" B DA 14 ? ? "C1'" B DA 14 ? ? "C2'" B DA 14 ? ? 110.29 106.80 3.49  0.50 N 
37 1 C4    B DA 14 ? ? C5    B DA 14 ? ? C6    B DA 14 ? ? 111.82 117.00 -5.18 0.50 N 
38 1 C5    B DA 14 ? ? C6    B DA 14 ? ? N1    B DA 14 ? ? 121.92 117.70 4.22  0.50 N 
39 1 C6    B DA 14 ? ? C5    B DA 14 ? ? N7    B DA 14 ? ? 137.72 132.30 5.42  0.70 N 
40 1 N1    B DA 14 ? ? C6    B DA 14 ? ? N6    B DA 14 ? ? 113.08 118.60 -5.52 0.60 N 
41 1 "O4'" B DC 15 ? ? "C1'" B DC 15 ? ? N1    B DC 15 ? ? 110.60 108.30 2.30  0.30 N 
42 1 C6    B DC 15 ? ? N1    B DC 15 ? ? C2    B DC 15 ? ? 116.90 120.30 -3.40 0.40 N 
43 1 N3    B DC 15 ? ? C2    B DC 15 ? ? O2    B DC 15 ? ? 117.16 121.90 -4.74 0.70 N 
44 1 "O4'" B DC 16 ? ? "C1'" B DC 16 ? ? N1    B DC 16 ? ? 111.74 108.30 3.44  0.30 N 
45 1 N1    B DC 16 ? ? C2    B DC 16 ? ? N3    B DC 16 ? ? 123.60 119.20 4.40  0.70 N 
46 1 C2    B DC 16 ? ? N3    B DC 16 ? ? C4    B DC 16 ? ? 115.43 119.90 -4.47 0.50 N 
47 1 N3    B DC 16 ? ? C4    B DC 16 ? ? C5    B DC 16 ? ? 125.75 121.90 3.85  0.40 N 
48 1 N1    B DC 16 ? ? C2    B DC 16 ? ? O2    B DC 16 ? ? 122.54 118.90 3.64  0.60 N 
49 1 N3    B DC 16 ? ? C2    B DC 16 ? ? O2    B DC 16 ? ? 113.41 121.90 -8.49 0.70 N 
50 1 N3    B DC 16 ? ? C4    B DC 16 ? ? N4    B DC 16 ? ? 109.42 118.00 -8.58 0.70 N 
51 1 C5    B DC 16 ? ? C4    B DC 16 ? ? N4    B DC 16 ? ? 124.63 120.20 4.43  0.70 N 
52 1 N3    B DT 17 ? ? C2    B DT 17 ? ? O2    B DT 17 ? ? 117.70 122.30 -4.60 0.60 N 
53 1 "O4'" B DT 18 ? ? "C1'" B DT 18 ? ? N1    B DT 18 ? ? 111.03 108.30 2.73  0.30 N 
54 1 "O4'" B DA 19 ? ? "C1'" B DA 19 ? ? N9    B DA 19 ? ? 113.26 108.30 4.96  0.30 N 
55 1 C5    B DA 19 ? ? N7    B DA 19 ? ? C8    B DA 19 ? ? 100.85 103.90 -3.05 0.50 N 
56 1 N7    B DA 19 ? ? C8    B DA 19 ? ? N9    B DA 19 ? ? 117.82 113.80 4.02  0.50 N 
57 1 C8    B DA 19 ? ? N9    B DA 19 ? ? C4    B DA 19 ? ? 101.91 105.80 -3.89 0.40 N 
58 1 N1    B DA 19 ? ? C6    B DA 19 ? ? N6    B DA 19 ? ? 112.81 118.60 -5.79 0.60 N 
59 1 C5    B DG 20 ? ? C6    B DG 20 ? ? N1    B DG 20 ? ? 114.52 111.50 3.02  0.50 N 
# 
loop_
_pdbx_validate_planes.id 
_pdbx_validate_planes.PDB_model_num 
_pdbx_validate_planes.auth_comp_id 
_pdbx_validate_planes.auth_asym_id 
_pdbx_validate_planes.auth_seq_id 
_pdbx_validate_planes.PDB_ins_code 
_pdbx_validate_planes.label_alt_id 
_pdbx_validate_planes.rmsd 
_pdbx_validate_planes.type 
1 1 DT A 2  ? ? 0.074 'SIDE CHAIN' 
2 1 DA A 4  ? ? 0.102 'SIDE CHAIN' 
3 1 DC B 15 ? ? 0.064 'SIDE CHAIN' 
4 1 DC B 16 ? ? 0.080 'SIDE CHAIN' 
# 
_pdbx_struct_mod_residue.id               1 
_pdbx_struct_mod_residue.label_asym_id    A 
_pdbx_struct_mod_residue.label_comp_id    7GU 
_pdbx_struct_mod_residue.label_seq_id     6 
_pdbx_struct_mod_residue.auth_asym_id     A 
_pdbx_struct_mod_residue.auth_comp_id     7GU 
_pdbx_struct_mod_residue.auth_seq_id      6 
_pdbx_struct_mod_residue.PDB_ins_code     ? 
_pdbx_struct_mod_residue.parent_comp_id   DG 
_pdbx_struct_mod_residue.details          ? 
# 
_pdbx_nmr_ensemble.average_constraint_violations_per_residue     ? 
_pdbx_nmr_ensemble.average_constraints_per_residue               ? 
_pdbx_nmr_ensemble.average_distance_constraint_violation         ? 
_pdbx_nmr_ensemble.average_torsion_angle_constraint_violation    ? 
_pdbx_nmr_ensemble.conformer_selection_criteria                  'back calculated data agree with experimental NOESY spectrum' 
_pdbx_nmr_ensemble.conformers_calculated_total_number            10 
_pdbx_nmr_ensemble.conformers_submitted_total_number             1 
_pdbx_nmr_ensemble.distance_constraint_violation_method          ? 
_pdbx_nmr_ensemble.entry_id                                      2MMS 
_pdbx_nmr_ensemble.maximum_distance_constraint_violation         ? 
_pdbx_nmr_ensemble.maximum_lower_distance_constraint_violation   ? 
_pdbx_nmr_ensemble.maximum_torsion_angle_constraint_violation    ? 
_pdbx_nmr_ensemble.maximum_upper_distance_constraint_violation   ? 
_pdbx_nmr_ensemble.torsion_angle_constraint_violation_method     ? 
# 
_pdbx_nmr_representative.conformer_id         1 
_pdbx_nmr_representative.entry_id             2MMS 
_pdbx_nmr_representative.selection_criteria   'closest to the average' 
# 
_pdbx_nmr_sample_details.contents         
;0.5 mM DNA (5'-D(*CP*TP*AP*AP*(FAG)P*(7GU)P*TP*TP*CP*A)-3'), 0.5 mM DNA (5'-D(*TP*GP*AP*AP*CP*CP*TP*TP*AP*G)-3'), 100% D2O
;
_pdbx_nmr_sample_details.solution_id      1 
_pdbx_nmr_sample_details.solvent_system   '100% D2O' 
# 
loop_
_pdbx_nmr_exptl_sample.component 
_pdbx_nmr_exptl_sample.concentration 
_pdbx_nmr_exptl_sample.concentration_range 
_pdbx_nmr_exptl_sample.concentration_units 
_pdbx_nmr_exptl_sample.isotopic_labeling 
_pdbx_nmr_exptl_sample.solution_id 
;DNA (5'-D(*CP*TP*AP*AP*(FAG)P*(7GU)P*TP*TP*CP*A)-3')-1
;
0.5 ? mM ? 1 
;DNA (5'-D(*TP*GP*AP*AP*CP*CP*TP*TP*AP*G)-3')-2
;
0.5 ? mM ? 1 
# 
_pdbx_nmr_exptl_sample_conditions.conditions_id       1 
_pdbx_nmr_exptl_sample_conditions.ionic_strength      0.1 
_pdbx_nmr_exptl_sample_conditions.pH                  7 
_pdbx_nmr_exptl_sample_conditions.pressure            ambient 
_pdbx_nmr_exptl_sample_conditions.pressure_units      ? 
_pdbx_nmr_exptl_sample_conditions.temperature         283 
_pdbx_nmr_exptl_sample_conditions.temperature_units   K 
# 
loop_
_pdbx_nmr_exptl.conditions_id 
_pdbx_nmr_exptl.experiment_id 
_pdbx_nmr_exptl.solution_id 
_pdbx_nmr_exptl.type 
1 1 1 '2D 1H-1H COSY'  
1 2 1 '2D 1H-1H NOESY' 
# 
_pdbx_nmr_refine.entry_id           2MMS 
_pdbx_nmr_refine.method             'DGSA-distance geometry simulated annealing' 
_pdbx_nmr_refine.details            ? 
_pdbx_nmr_refine.software_ordinal   1 
# 
loop_
_pdbx_nmr_software.authors 
_pdbx_nmr_software.classification 
_pdbx_nmr_software.name 
_pdbx_nmr_software.version 
_pdbx_nmr_software.ordinal 
'Case, Darden, Cheatham, III, Simmerling, Wang, Duke, Luo, ... and Kollman' refinement                  Amber   12    1 
'Bruker Biospin'                                                            collection                  TopSpin 3     2 
'Bruker Biospin'                                                            processing                  TopSpin 3     3 
Goddard                                                                     'chemical shift assignment' Sparky  3.115 4 
Goddard                                                                     'peak picking'              Sparky  3.115 5 
# 
loop_
_chem_comp_atom.comp_id 
_chem_comp_atom.atom_id 
_chem_comp_atom.type_symbol 
_chem_comp_atom.pdbx_aromatic_flag 
_chem_comp_atom.pdbx_stereo_config 
_chem_comp_atom.pdbx_ordinal 
7GU P      P N N 1   
7GU OP1    O N N 2   
7GU OP2    O N N 3   
7GU "O5'"  O N N 4   
7GU N9     N Y N 5   
7GU C4     C Y N 6   
7GU N3     N N N 7   
7GU C2     C N N 8   
7GU N2     N N N 9   
7GU N1     N N N 10  
7GU C6     C N N 11  
7GU O6     O N N 12  
7GU C5     C Y N 13  
7GU C7     C Y N 14  
7GU C8     C Y N 15  
7GU "C2'"  C N N 16  
7GU "C5'"  C N N 17  
7GU "C4'"  C N R 18  
7GU "O4'"  O N N 19  
7GU "C1'"  C N R 20  
7GU "C3'"  C N S 21  
7GU "O3'"  O N N 22  
7GU OP3    O N N 23  
7GU HOP2   H N N 24  
7GU HN21   H N N 25  
7GU HN22   H N N 26  
7GU HN1    H N N 27  
7GU H7     H N N 28  
7GU H8     H N N 29  
7GU "H2'"  H N N 30  
7GU "H2''" H N N 31  
7GU "H5'"  H N N 32  
7GU "H5''" H N N 33  
7GU "H4'"  H N N 34  
7GU "H1'"  H N N 35  
7GU "H3'"  H N N 36  
7GU "HO3'" H N N 37  
7GU HOP3   H N N 38  
DA  OP3    O N N 39  
DA  P      P N N 40  
DA  OP1    O N N 41  
DA  OP2    O N N 42  
DA  "O5'"  O N N 43  
DA  "C5'"  C N N 44  
DA  "C4'"  C N R 45  
DA  "O4'"  O N N 46  
DA  "C3'"  C N S 47  
DA  "O3'"  O N N 48  
DA  "C2'"  C N N 49  
DA  "C1'"  C N R 50  
DA  N9     N Y N 51  
DA  C8     C Y N 52  
DA  N7     N Y N 53  
DA  C5     C Y N 54  
DA  C6     C Y N 55  
DA  N6     N N N 56  
DA  N1     N Y N 57  
DA  C2     C Y N 58  
DA  N3     N Y N 59  
DA  C4     C Y N 60  
DA  HOP3   H N N 61  
DA  HOP2   H N N 62  
DA  "H5'"  H N N 63  
DA  "H5''" H N N 64  
DA  "H4'"  H N N 65  
DA  "H3'"  H N N 66  
DA  "HO3'" H N N 67  
DA  "H2'"  H N N 68  
DA  "H2''" H N N 69  
DA  "H1'"  H N N 70  
DA  H8     H N N 71  
DA  H61    H N N 72  
DA  H62    H N N 73  
DA  H2     H N N 74  
DC  OP3    O N N 75  
DC  P      P N N 76  
DC  OP1    O N N 77  
DC  OP2    O N N 78  
DC  "O5'"  O N N 79  
DC  "C5'"  C N N 80  
DC  "C4'"  C N R 81  
DC  "O4'"  O N N 82  
DC  "C3'"  C N S 83  
DC  "O3'"  O N N 84  
DC  "C2'"  C N N 85  
DC  "C1'"  C N R 86  
DC  N1     N N N 87  
DC  C2     C N N 88  
DC  O2     O N N 89  
DC  N3     N N N 90  
DC  C4     C N N 91  
DC  N4     N N N 92  
DC  C5     C N N 93  
DC  C6     C N N 94  
DC  HOP3   H N N 95  
DC  HOP2   H N N 96  
DC  "H5'"  H N N 97  
DC  "H5''" H N N 98  
DC  "H4'"  H N N 99  
DC  "H3'"  H N N 100 
DC  "HO3'" H N N 101 
DC  "H2'"  H N N 102 
DC  "H2''" H N N 103 
DC  "H1'"  H N N 104 
DC  H41    H N N 105 
DC  H42    H N N 106 
DC  H5     H N N 107 
DC  H6     H N N 108 
DG  OP3    O N N 109 
DG  P      P N N 110 
DG  OP1    O N N 111 
DG  OP2    O N N 112 
DG  "O5'"  O N N 113 
DG  "C5'"  C N N 114 
DG  "C4'"  C N R 115 
DG  "O4'"  O N N 116 
DG  "C3'"  C N S 117 
DG  "O3'"  O N N 118 
DG  "C2'"  C N N 119 
DG  "C1'"  C N R 120 
DG  N9     N Y N 121 
DG  C8     C Y N 122 
DG  N7     N Y N 123 
DG  C5     C Y N 124 
DG  C6     C N N 125 
DG  O6     O N N 126 
DG  N1     N N N 127 
DG  C2     C N N 128 
DG  N2     N N N 129 
DG  N3     N N N 130 
DG  C4     C Y N 131 
DG  HOP3   H N N 132 
DG  HOP2   H N N 133 
DG  "H5'"  H N N 134 
DG  "H5''" H N N 135 
DG  "H4'"  H N N 136 
DG  "H3'"  H N N 137 
DG  "HO3'" H N N 138 
DG  "H2'"  H N N 139 
DG  "H2''" H N N 140 
DG  "H1'"  H N N 141 
DG  H8     H N N 142 
DG  H1     H N N 143 
DG  H21    H N N 144 
DG  H22    H N N 145 
DT  OP3    O N N 146 
DT  P      P N N 147 
DT  OP1    O N N 148 
DT  OP2    O N N 149 
DT  "O5'"  O N N 150 
DT  "C5'"  C N N 151 
DT  "C4'"  C N R 152 
DT  "O4'"  O N N 153 
DT  "C3'"  C N S 154 
DT  "O3'"  O N N 155 
DT  "C2'"  C N N 156 
DT  "C1'"  C N R 157 
DT  N1     N N N 158 
DT  C2     C N N 159 
DT  O2     O N N 160 
DT  N3     N N N 161 
DT  C4     C N N 162 
DT  O4     O N N 163 
DT  C5     C N N 164 
DT  C7     C N N 165 
DT  C6     C N N 166 
DT  HOP3   H N N 167 
DT  HOP2   H N N 168 
DT  "H5'"  H N N 169 
DT  "H5''" H N N 170 
DT  "H4'"  H N N 171 
DT  "H3'"  H N N 172 
DT  "HO3'" H N N 173 
DT  "H2'"  H N N 174 
DT  "H2''" H N N 175 
DT  "H1'"  H N N 176 
DT  H3     H N N 177 
DT  H71    H N N 178 
DT  H72    H N N 179 
DT  H73    H N N 180 
DT  H6     H N N 181 
FAG C3A    C N N 182 
FAG C3     C N N 183 
FAG C2A    C N N 184 
FAG C1     C N N 185 
FAG O1     O N N 186 
FAG P      P N N 187 
FAG O1P    O N N 188 
FAG O2P    O N N 189 
FAG "O5'"  O N N 190 
FAG "C5'"  C N N 191 
FAG "C4'"  C N R 192 
FAG "O4'"  O N N 193 
FAG "C1'"  C N R 194 
FAG N9     N N N 195 
FAG C4     C N N 196 
FAG N3     N N N 197 
FAG C2     C N N 198 
FAG N2     N N N 199 
FAG N1     N N N 200 
FAG C6     C N N 201 
FAG O6     O N N 202 
FAG C5     C N N 203 
FAG N7     N N N 204 
FAG C8     C N N 205 
FAG O8     O N N 206 
FAG "C2'"  C N N 207 
FAG "C3'"  C N S 208 
FAG "O3'"  O N N 209 
FAG C8A    C N R 210 
FAG C9     C N R 211 
FAG O9     O N N 212 
FAG C9A    C N R 213 
FAG C9B    C Y N 214 
FAG O7     O N N 215 
FAG C6A    C N S 216 
FAG O6A    O N N 217 
FAG C5M    C Y N 218 
FAG C5B    C Y N 219 
FAG C4B    C Y N 220 
FAG O4     O N N 221 
FAG CM     C N N 222 
FAG C4A    C Y N 223 
FAG CAA    C Y N 224 
FAG O10    O N N 225 
FAG C11    C N N 226 
FAG O11    O N N 227 
FAG CBA    C N N 228 
FAG H31    H N N 229 
FAG H32    H N N 230 
FAG H2A1   H N N 231 
FAG H2A2   H N N 232 
FAG HOP2   H N N 233 
FAG "H5'1" H N N 234 
FAG "H5'2" H N N 235 
FAG "H4'"  H N N 236 
FAG "H1'"  H N N 237 
FAG HN9    H N N 238 
FAG HN21   H N N 239 
FAG HN22   H N N 240 
FAG H1     H N N 241 
FAG H8     H N N 242 
FAG "H2'1" H N N 243 
FAG "H2'2" H N N 244 
FAG "H3'"  H N N 245 
FAG "HO3'" H N N 246 
FAG H8A    H N N 247 
FAG H9     H N N 248 
FAG HO9    H N N 249 
FAG H9A    H N N 250 
FAG H6A    H N N 251 
FAG H5B    H N N 252 
FAG HM1    H N N 253 
FAG HM2    H N N 254 
FAG HM3    H N N 255 
FAG O3P    O N N 256 
FAG HOP3   H N N 257 
# 
loop_
_chem_comp_bond.comp_id 
_chem_comp_bond.atom_id_1 
_chem_comp_bond.atom_id_2 
_chem_comp_bond.value_order 
_chem_comp_bond.pdbx_aromatic_flag 
_chem_comp_bond.pdbx_stereo_config 
_chem_comp_bond.pdbx_ordinal 
7GU P     OP1    doub N N 1   
7GU P     OP2    sing N N 2   
7GU P     "O5'"  sing N N 3   
7GU P     OP3    sing N N 4   
7GU OP2   HOP2   sing N N 5   
7GU "O5'" "C5'"  sing N N 6   
7GU N9    C4     sing Y N 7   
7GU N9    C8     sing Y N 8   
7GU N9    "C1'"  sing N N 9   
7GU C4    N3     sing N N 10  
7GU C4    C5     doub Y N 11  
7GU N3    C2     doub N N 12  
7GU C2    N2     sing N N 13  
7GU C2    N1     sing N N 14  
7GU N2    HN21   sing N N 15  
7GU N2    HN22   sing N N 16  
7GU N1    C6     sing N N 17  
7GU N1    HN1    sing N N 18  
7GU C6    O6     doub N N 19  
7GU C6    C5     sing N N 20  
7GU C5    C7     sing Y N 21  
7GU C7    C8     doub Y N 22  
7GU C7    H7     sing N N 23  
7GU C8    H8     sing N N 24  
7GU "C2'" "C1'"  sing N N 25  
7GU "C2'" "C3'"  sing N N 26  
7GU "C2'" "H2'"  sing N N 27  
7GU "C2'" "H2''" sing N N 28  
7GU "C5'" "C4'"  sing N N 29  
7GU "C5'" "H5'"  sing N N 30  
7GU "C5'" "H5''" sing N N 31  
7GU "C4'" "O4'"  sing N N 32  
7GU "C4'" "C3'"  sing N N 33  
7GU "C4'" "H4'"  sing N N 34  
7GU "O4'" "C1'"  sing N N 35  
7GU "C1'" "H1'"  sing N N 36  
7GU "C3'" "O3'"  sing N N 37  
7GU "C3'" "H3'"  sing N N 38  
7GU "O3'" "HO3'" sing N N 39  
7GU OP3   HOP3   sing N N 40  
DA  OP3   P      sing N N 41  
DA  OP3   HOP3   sing N N 42  
DA  P     OP1    doub N N 43  
DA  P     OP2    sing N N 44  
DA  P     "O5'"  sing N N 45  
DA  OP2   HOP2   sing N N 46  
DA  "O5'" "C5'"  sing N N 47  
DA  "C5'" "C4'"  sing N N 48  
DA  "C5'" "H5'"  sing N N 49  
DA  "C5'" "H5''" sing N N 50  
DA  "C4'" "O4'"  sing N N 51  
DA  "C4'" "C3'"  sing N N 52  
DA  "C4'" "H4'"  sing N N 53  
DA  "O4'" "C1'"  sing N N 54  
DA  "C3'" "O3'"  sing N N 55  
DA  "C3'" "C2'"  sing N N 56  
DA  "C3'" "H3'"  sing N N 57  
DA  "O3'" "HO3'" sing N N 58  
DA  "C2'" "C1'"  sing N N 59  
DA  "C2'" "H2'"  sing N N 60  
DA  "C2'" "H2''" sing N N 61  
DA  "C1'" N9     sing N N 62  
DA  "C1'" "H1'"  sing N N 63  
DA  N9    C8     sing Y N 64  
DA  N9    C4     sing Y N 65  
DA  C8    N7     doub Y N 66  
DA  C8    H8     sing N N 67  
DA  N7    C5     sing Y N 68  
DA  C5    C6     sing Y N 69  
DA  C5    C4     doub Y N 70  
DA  C6    N6     sing N N 71  
DA  C6    N1     doub Y N 72  
DA  N6    H61    sing N N 73  
DA  N6    H62    sing N N 74  
DA  N1    C2     sing Y N 75  
DA  C2    N3     doub Y N 76  
DA  C2    H2     sing N N 77  
DA  N3    C4     sing Y N 78  
DC  OP3   P      sing N N 79  
DC  OP3   HOP3   sing N N 80  
DC  P     OP1    doub N N 81  
DC  P     OP2    sing N N 82  
DC  P     "O5'"  sing N N 83  
DC  OP2   HOP2   sing N N 84  
DC  "O5'" "C5'"  sing N N 85  
DC  "C5'" "C4'"  sing N N 86  
DC  "C5'" "H5'"  sing N N 87  
DC  "C5'" "H5''" sing N N 88  
DC  "C4'" "O4'"  sing N N 89  
DC  "C4'" "C3'"  sing N N 90  
DC  "C4'" "H4'"  sing N N 91  
DC  "O4'" "C1'"  sing N N 92  
DC  "C3'" "O3'"  sing N N 93  
DC  "C3'" "C2'"  sing N N 94  
DC  "C3'" "H3'"  sing N N 95  
DC  "O3'" "HO3'" sing N N 96  
DC  "C2'" "C1'"  sing N N 97  
DC  "C2'" "H2'"  sing N N 98  
DC  "C2'" "H2''" sing N N 99  
DC  "C1'" N1     sing N N 100 
DC  "C1'" "H1'"  sing N N 101 
DC  N1    C2     sing N N 102 
DC  N1    C6     sing N N 103 
DC  C2    O2     doub N N 104 
DC  C2    N3     sing N N 105 
DC  N3    C4     doub N N 106 
DC  C4    N4     sing N N 107 
DC  C4    C5     sing N N 108 
DC  N4    H41    sing N N 109 
DC  N4    H42    sing N N 110 
DC  C5    C6     doub N N 111 
DC  C5    H5     sing N N 112 
DC  C6    H6     sing N N 113 
DG  OP3   P      sing N N 114 
DG  OP3   HOP3   sing N N 115 
DG  P     OP1    doub N N 116 
DG  P     OP2    sing N N 117 
DG  P     "O5'"  sing N N 118 
DG  OP2   HOP2   sing N N 119 
DG  "O5'" "C5'"  sing N N 120 
DG  "C5'" "C4'"  sing N N 121 
DG  "C5'" "H5'"  sing N N 122 
DG  "C5'" "H5''" sing N N 123 
DG  "C4'" "O4'"  sing N N 124 
DG  "C4'" "C3'"  sing N N 125 
DG  "C4'" "H4'"  sing N N 126 
DG  "O4'" "C1'"  sing N N 127 
DG  "C3'" "O3'"  sing N N 128 
DG  "C3'" "C2'"  sing N N 129 
DG  "C3'" "H3'"  sing N N 130 
DG  "O3'" "HO3'" sing N N 131 
DG  "C2'" "C1'"  sing N N 132 
DG  "C2'" "H2'"  sing N N 133 
DG  "C2'" "H2''" sing N N 134 
DG  "C1'" N9     sing N N 135 
DG  "C1'" "H1'"  sing N N 136 
DG  N9    C8     sing Y N 137 
DG  N9    C4     sing Y N 138 
DG  C8    N7     doub Y N 139 
DG  C8    H8     sing N N 140 
DG  N7    C5     sing Y N 141 
DG  C5    C6     sing N N 142 
DG  C5    C4     doub Y N 143 
DG  C6    O6     doub N N 144 
DG  C6    N1     sing N N 145 
DG  N1    C2     sing N N 146 
DG  N1    H1     sing N N 147 
DG  C2    N2     sing N N 148 
DG  C2    N3     doub N N 149 
DG  N2    H21    sing N N 150 
DG  N2    H22    sing N N 151 
DG  N3    C4     sing N N 152 
DT  OP3   P      sing N N 153 
DT  OP3   HOP3   sing N N 154 
DT  P     OP1    doub N N 155 
DT  P     OP2    sing N N 156 
DT  P     "O5'"  sing N N 157 
DT  OP2   HOP2   sing N N 158 
DT  "O5'" "C5'"  sing N N 159 
DT  "C5'" "C4'"  sing N N 160 
DT  "C5'" "H5'"  sing N N 161 
DT  "C5'" "H5''" sing N N 162 
DT  "C4'" "O4'"  sing N N 163 
DT  "C4'" "C3'"  sing N N 164 
DT  "C4'" "H4'"  sing N N 165 
DT  "O4'" "C1'"  sing N N 166 
DT  "C3'" "O3'"  sing N N 167 
DT  "C3'" "C2'"  sing N N 168 
DT  "C3'" "H3'"  sing N N 169 
DT  "O3'" "HO3'" sing N N 170 
DT  "C2'" "C1'"  sing N N 171 
DT  "C2'" "H2'"  sing N N 172 
DT  "C2'" "H2''" sing N N 173 
DT  "C1'" N1     sing N N 174 
DT  "C1'" "H1'"  sing N N 175 
DT  N1    C2     sing N N 176 
DT  N1    C6     sing N N 177 
DT  C2    O2     doub N N 178 
DT  C2    N3     sing N N 179 
DT  N3    C4     sing N N 180 
DT  N3    H3     sing N N 181 
DT  C4    O4     doub N N 182 
DT  C4    C5     sing N N 183 
DT  C5    C7     sing N N 184 
DT  C5    C6     doub N N 185 
DT  C7    H71    sing N N 186 
DT  C7    H72    sing N N 187 
DT  C7    H73    sing N N 188 
DT  C6    H6     sing N N 189 
FAG C3A   C3     sing N N 190 
FAG C3A   C4A    sing N N 191 
FAG C3A   CBA    doub N N 192 
FAG C3    C2A    sing N N 193 
FAG C3    H31    sing N N 194 
FAG C3    H32    sing N N 195 
FAG C2A   C1     sing N N 196 
FAG C2A   H2A1   sing N N 197 
FAG C2A   H2A2   sing N N 198 
FAG C1    O1     doub N N 199 
FAG C1    CBA    sing N N 200 
FAG P     O1P    doub N N 201 
FAG P     O2P    sing N N 202 
FAG P     "O5'"  sing N N 203 
FAG O2P   HOP2   sing N N 204 
FAG "O5'" "C5'"  sing N N 205 
FAG "C5'" "C4'"  sing N N 206 
FAG "C5'" "H5'1" sing N N 207 
FAG "C5'" "H5'2" sing N N 208 
FAG "C4'" "O4'"  sing N N 209 
FAG "C4'" "C3'"  sing N N 210 
FAG "C4'" "H4'"  sing N N 211 
FAG "O4'" "C1'"  sing N N 212 
FAG "C1'" N9     sing N N 213 
FAG "C1'" "C2'"  sing N N 214 
FAG "C1'" "H1'"  sing N N 215 
FAG N9    C4     sing N N 216 
FAG N9    HN9    sing N N 217 
FAG C4    N3     sing N N 218 
FAG C4    C5     doub N N 219 
FAG N3    C2     doub N N 220 
FAG C2    N2     sing N N 221 
FAG C2    N1     sing N N 222 
FAG N2    HN21   sing N N 223 
FAG N2    HN22   sing N N 224 
FAG N1    C6     sing N N 225 
FAG N1    H1     sing N N 226 
FAG C6    O6     doub N N 227 
FAG C6    C5     sing N N 228 
FAG C5    N7     sing N N 229 
FAG N7    C8     sing N N 230 
FAG N7    C8A    sing N N 231 
FAG C8    O8     doub N N 232 
FAG C8    H8     sing N N 233 
FAG "C2'" "C3'"  sing N N 234 
FAG "C2'" "H2'1" sing N N 235 
FAG "C2'" "H2'2" sing N N 236 
FAG "C3'" "O3'"  sing N N 237 
FAG "C3'" "H3'"  sing N N 238 
FAG "O3'" "HO3'" sing N N 239 
FAG C8A   C9     sing N N 240 
FAG C8A   O7     sing N N 241 
FAG C8A   H8A    sing N N 242 
FAG C9    O9     sing N N 243 
FAG C9    C9A    sing N N 244 
FAG C9    H9     sing N N 245 
FAG O9    HO9    sing N N 246 
FAG C9A   C9B    sing N N 247 
FAG C9A   C6A    sing N N 248 
FAG C9A   H9A    sing N N 249 
FAG C9B   C5M    doub Y N 250 
FAG C9B   CAA    sing Y N 251 
FAG O7    C6A    sing N N 252 
FAG C6A   O6A    sing N N 253 
FAG C6A   H6A    sing N N 254 
FAG O6A   C5M    sing N N 255 
FAG C5M   C5B    sing Y N 256 
FAG C5B   C4B    doub Y N 257 
FAG C5B   H5B    sing N N 258 
FAG C4B   O4     sing N N 259 
FAG C4B   C4A    sing Y N 260 
FAG O4    CM     sing N N 261 
FAG CM    HM1    sing N N 262 
FAG CM    HM2    sing N N 263 
FAG CM    HM3    sing N N 264 
FAG C4A   CAA    doub Y N 265 
FAG CAA   O10    sing N N 266 
FAG O10   C11    sing N N 267 
FAG C11   O11    doub N N 268 
FAG C11   CBA    sing N N 269 
FAG P     O3P    sing N N 270 
FAG O3P   HOP3   sing N N 271 
# 
loop_
_ndb_struct_conf_na.entry_id 
_ndb_struct_conf_na.feature 
2MMS 'double helix'        
2MMS 'b-form double helix' 
# 
loop_
_ndb_struct_na_base_pair.model_number 
_ndb_struct_na_base_pair.i_label_asym_id 
_ndb_struct_na_base_pair.i_label_comp_id 
_ndb_struct_na_base_pair.i_label_seq_id 
_ndb_struct_na_base_pair.i_symmetry 
_ndb_struct_na_base_pair.j_label_asym_id 
_ndb_struct_na_base_pair.j_label_comp_id 
_ndb_struct_na_base_pair.j_label_seq_id 
_ndb_struct_na_base_pair.j_symmetry 
_ndb_struct_na_base_pair.shear 
_ndb_struct_na_base_pair.stretch 
_ndb_struct_na_base_pair.stagger 
_ndb_struct_na_base_pair.buckle 
_ndb_struct_na_base_pair.propeller 
_ndb_struct_na_base_pair.opening 
_ndb_struct_na_base_pair.pair_number 
_ndb_struct_na_base_pair.pair_name 
_ndb_struct_na_base_pair.i_auth_asym_id 
_ndb_struct_na_base_pair.i_auth_seq_id 
_ndb_struct_na_base_pair.i_PDB_ins_code 
_ndb_struct_na_base_pair.j_auth_asym_id 
_ndb_struct_na_base_pair.j_auth_seq_id 
_ndb_struct_na_base_pair.j_PDB_ins_code 
_ndb_struct_na_base_pair.hbond_type_28 
_ndb_struct_na_base_pair.hbond_type_12 
1 A DC 1 1_555 B DG 10 1_555 0.322  -0.084 0.094  1.384  -14.774 -1.020 1 A_DC1:DG20_B A 1 ? B 20 ? 19 1 
1 A DT 2 1_555 B DA 9  1_555 -0.108 0.050  -0.238 13.358 -0.032  2.074  2 A_DT2:DA19_B A 2 ? B 19 ? 20 1 
1 A DA 3 1_555 B DT 8  1_555 0.216  0.249  0.798  48.441 1.186   3.129  3 A_DA3:DT18_B A 3 ? B 18 ? 20 1 
1 A DA 4 1_555 B DT 7  1_555 0.355  0.293  0.278  49.573 0.825   4.898  4 A_DA4:DT17_B A 4 ? B 17 ? 20 1 
# 
loop_
_ndb_struct_na_base_pair_step.model_number 
_ndb_struct_na_base_pair_step.i_label_asym_id_1 
_ndb_struct_na_base_pair_step.i_label_comp_id_1 
_ndb_struct_na_base_pair_step.i_label_seq_id_1 
_ndb_struct_na_base_pair_step.i_symmetry_1 
_ndb_struct_na_base_pair_step.j_label_asym_id_1 
_ndb_struct_na_base_pair_step.j_label_comp_id_1 
_ndb_struct_na_base_pair_step.j_label_seq_id_1 
_ndb_struct_na_base_pair_step.j_symmetry_1 
_ndb_struct_na_base_pair_step.i_label_asym_id_2 
_ndb_struct_na_base_pair_step.i_label_comp_id_2 
_ndb_struct_na_base_pair_step.i_label_seq_id_2 
_ndb_struct_na_base_pair_step.i_symmetry_2 
_ndb_struct_na_base_pair_step.j_label_asym_id_2 
_ndb_struct_na_base_pair_step.j_label_comp_id_2 
_ndb_struct_na_base_pair_step.j_label_seq_id_2 
_ndb_struct_na_base_pair_step.j_symmetry_2 
_ndb_struct_na_base_pair_step.shift 
_ndb_struct_na_base_pair_step.slide 
_ndb_struct_na_base_pair_step.rise 
_ndb_struct_na_base_pair_step.tilt 
_ndb_struct_na_base_pair_step.roll 
_ndb_struct_na_base_pair_step.twist 
_ndb_struct_na_base_pair_step.x_displacement 
_ndb_struct_na_base_pair_step.y_displacement 
_ndb_struct_na_base_pair_step.helical_rise 
_ndb_struct_na_base_pair_step.inclination 
_ndb_struct_na_base_pair_step.tip 
_ndb_struct_na_base_pair_step.helical_twist 
_ndb_struct_na_base_pair_step.step_number 
_ndb_struct_na_base_pair_step.step_name 
_ndb_struct_na_base_pair_step.i_auth_asym_id_1 
_ndb_struct_na_base_pair_step.i_auth_seq_id_1 
_ndb_struct_na_base_pair_step.i_PDB_ins_code_1 
_ndb_struct_na_base_pair_step.j_auth_asym_id_1 
_ndb_struct_na_base_pair_step.j_auth_seq_id_1 
_ndb_struct_na_base_pair_step.j_PDB_ins_code_1 
_ndb_struct_na_base_pair_step.i_auth_asym_id_2 
_ndb_struct_na_base_pair_step.i_auth_seq_id_2 
_ndb_struct_na_base_pair_step.i_PDB_ins_code_2 
_ndb_struct_na_base_pair_step.j_auth_asym_id_2 
_ndb_struct_na_base_pair_step.j_auth_seq_id_2 
_ndb_struct_na_base_pair_step.j_PDB_ins_code_2 
1 A DC 1 1_555 B DG 10 1_555 A DT 2 1_555 B DA 9 1_555 -0.217 -0.340 3.076 2.315  5.931  30.104 -1.720 0.831  2.933 11.261 -4.396 
30.755 1 AA_DC1DT2:DA19DG20_BB A 1 ? B 20 ? A 2 ? B 19 ? 
1 A DT 2 1_555 B DA 9  1_555 A DA 3 1_555 B DT 8 1_555 0.596  0.567  2.784 -8.155 -7.083 42.209 1.328  -1.452 2.510 -9.648 11.107 
43.508 2 AA_DT2DA3:DT18DA19_BB A 2 ? B 19 ? A 3 ? B 18 ? 
1 A DA 3 1_555 B DT 8  1_555 A DA 4 1_555 B DT 7 1_555 -0.136 -0.290 3.856 3.297  10.737 31.049 -2.638 0.893  3.532 19.284 -5.921 
32.971 3 AA_DA3DA4:DT17DT18_BB A 3 ? B 18 ? A 4 ? B 17 ? 
# 
loop_
_pdbx_nmr_spectrometer.field_strength 
_pdbx_nmr_spectrometer.manufacturer 
_pdbx_nmr_spectrometer.model 
_pdbx_nmr_spectrometer.spectrometer_id 
_pdbx_nmr_spectrometer.type 
800 Bruker AVANCE 1 'Bruker Avance' 
900 Bruker AVANCE 2 'Bruker Avance' 
# 
_atom_sites.entry_id                    2MMS 
_atom_sites.fract_transf_matrix[1][1]   1.000000 
_atom_sites.fract_transf_matrix[1][2]   0.000000 
_atom_sites.fract_transf_matrix[1][3]   0.000000 
_atom_sites.fract_transf_matrix[2][1]   0.000000 
_atom_sites.fract_transf_matrix[2][2]   1.000000 
_atom_sites.fract_transf_matrix[2][3]   0.000000 
_atom_sites.fract_transf_matrix[3][1]   0.000000 
_atom_sites.fract_transf_matrix[3][2]   0.000000 
_atom_sites.fract_transf_matrix[3][3]   1.000000 
_atom_sites.fract_transf_vector[1]      0.00000 
_atom_sites.fract_transf_vector[2]      0.00000 
_atom_sites.fract_transf_vector[3]      0.00000 
# 
loop_
_atom_type.symbol 
C 
H 
N 
O 
P 
# 
loop_
_atom_site.group_PDB 
_atom_site.id 
_atom_site.type_symbol 
_atom_site.label_atom_id 
_atom_site.label_alt_id 
_atom_site.label_comp_id 
_atom_site.label_asym_id 
_atom_site.label_entity_id 
_atom_site.label_seq_id 
_atom_site.pdbx_PDB_ins_code 
_atom_site.Cartn_x 
_atom_site.Cartn_y 
_atom_site.Cartn_z 
_atom_site.occupancy 
_atom_site.B_iso_or_equiv 
_atom_site.pdbx_formal_charge 
_atom_site.auth_seq_id 
_atom_site.auth_comp_id 
_atom_site.auth_asym_id 
_atom_site.auth_atom_id 
_atom_site.pdbx_PDB_model_num 
ATOM   1   O "O5'"  . DC  A 1 1  ? 4.957   19.785  10.713  1.00 0.00 ? 1  DC  A "O5'"  1 
ATOM   2   C "C5'"  . DC  A 1 1  ? 4.372   18.665  10.065  1.00 0.00 ? 1  DC  A "C5'"  1 
ATOM   3   C "C4'"  . DC  A 1 1  ? 5.279   18.114  8.943   1.00 0.00 ? 1  DC  A "C4'"  1 
ATOM   4   O "O4'"  . DC  A 1 1  ? 6.183   17.148  9.554   1.00 0.00 ? 1  DC  A "O4'"  1 
ATOM   5   C "C3'"  . DC  A 1 1  ? 4.401   17.331  7.911   1.00 0.00 ? 1  DC  A "C3'"  1 
ATOM   6   O "O3'"  . DC  A 1 1  ? 4.811   17.855  6.664   1.00 0.00 ? 1  DC  A "O3'"  1 
ATOM   7   C "C2'"  . DC  A 1 1  ? 4.767   15.869  8.150   1.00 0.00 ? 1  DC  A "C2'"  1 
ATOM   8   C "C1'"  . DC  A 1 1  ? 6.186   15.980  8.765   1.00 0.00 ? 1  DC  A "C1'"  1 
ATOM   9   N N1     . DC  A 1 1  ? 6.531   14.724  9.493   1.00 0.00 ? 1  DC  A N1     1 
ATOM   10  C C2     . DC  A 1 1  ? 7.577   13.925  8.997   1.00 0.00 ? 1  DC  A C2     1 
ATOM   11  O O2     . DC  A 1 1  ? 8.225   14.164  7.984   1.00 0.00 ? 1  DC  A O2     1 
ATOM   12  N N3     . DC  A 1 1  ? 7.955   12.815  9.687   1.00 0.00 ? 1  DC  A N3     1 
ATOM   13  C C4     . DC  A 1 1  ? 7.347   12.470  10.794  1.00 0.00 ? 1  DC  A C4     1 
ATOM   14  N N4     . DC  A 1 1  ? 7.852   11.444  11.428  1.00 0.00 ? 1  DC  A N4     1 
ATOM   15  C C5     . DC  A 1 1  ? 6.232   13.246  11.347  1.00 0.00 ? 1  DC  A C5     1 
ATOM   16  C C6     . DC  A 1 1  ? 5.838   14.343  10.630  1.00 0.00 ? 1  DC  A C6     1 
ATOM   17  H "H5'"  . DC  A 1 1  ? 3.423   18.999  9.644   1.00 0.00 ? 1  DC  A "H5'"  1 
ATOM   18  H "H5''" . DC  A 1 1  ? 4.170   17.900  10.816  1.00 0.00 ? 1  DC  A "H5''" 1 
ATOM   19  H "H4'"  . DC  A 1 1  ? 5.874   18.904  8.486   1.00 0.00 ? 1  DC  A "H4'"  1 
ATOM   20  H "H3'"  . DC  A 1 1  ? 3.324   17.420  8.051   1.00 0.00 ? 1  DC  A "H3'"  1 
ATOM   21  H "H2'"  . DC  A 1 1  ? 4.060   15.441  8.862   1.00 0.00 ? 1  DC  A "H2'"  1 
ATOM   22  H "H2''" . DC  A 1 1  ? 4.769   15.360  7.186   1.00 0.00 ? 1  DC  A "H2''" 1 
ATOM   23  H "H1'"  . DC  A 1 1  ? 6.875   16.102  7.931   1.00 0.00 ? 1  DC  A "H1'"  1 
ATOM   24  H H41    . DC  A 1 1  ? 7.489   11.186  12.334  1.00 0.00 ? 1  DC  A H41    1 
ATOM   25  H H42    . DC  A 1 1  ? 8.746   11.082  11.127  1.00 0.00 ? 1  DC  A H42    1 
ATOM   26  H H5     . DC  A 1 1  ? 5.672   12.934  12.216  1.00 0.00 ? 1  DC  A H5     1 
ATOM   27  H H6     . DC  A 1 1  ? 4.983   14.930  10.932  1.00 0.00 ? 1  DC  A H6     1 
ATOM   28  H "HO5'" . DC  A 1 1  ? 5.605   19.410  11.314  1.00 0.00 ? 1  DC  A "HO5'" 1 
ATOM   29  P P      . DT  A 1 2  ? 4.083   17.460  5.261   1.00 0.00 ? 2  DT  A P      1 
ATOM   30  O OP1    . DT  A 1 2  ? 4.398   18.514  4.312   1.00 0.00 ? 2  DT  A OP1    1 
ATOM   31  O OP2    . DT  A 1 2  ? 2.644   17.143  5.491   1.00 0.00 ? 2  DT  A OP2    1 
ATOM   32  O "O5'"  . DT  A 1 2  ? 4.914   16.173  4.827   1.00 0.00 ? 2  DT  A "O5'"  1 
ATOM   33  C "C5'"  . DT  A 1 2  ? 6.329   16.284  4.388   1.00 0.00 ? 2  DT  A "C5'"  1 
ATOM   34  C "C4'"  . DT  A 1 2  ? 6.980   14.947  3.864   1.00 0.00 ? 2  DT  A "C4'"  1 
ATOM   35  O "O4'"  . DT  A 1 2  ? 7.266   14.015  4.882   1.00 0.00 ? 2  DT  A "O4'"  1 
ATOM   36  C "C3'"  . DT  A 1 2  ? 6.165   14.296  2.773   1.00 0.00 ? 2  DT  A "C3'"  1 
ATOM   37  O "O3'"  . DT  A 1 2  ? 7.092   13.954  1.752   1.00 0.00 ? 2  DT  A "O3'"  1 
ATOM   38  C "C2'"  . DT  A 1 2  ? 5.587   13.088  3.494   1.00 0.00 ? 2  DT  A "C2'"  1 
ATOM   39  C "C1'"  . DT  A 1 2  ? 6.806   12.741  4.399   1.00 0.00 ? 2  DT  A "C1'"  1 
ATOM   40  N N1     . DT  A 1 2  ? 6.610   11.815  5.524   1.00 0.00 ? 2  DT  A N1     1 
ATOM   41  C C2     . DT  A 1 2  ? 7.529   10.802  5.807   1.00 0.00 ? 2  DT  A C2     1 
ATOM   42  O O2     . DT  A 1 2  ? 8.501   10.558  5.080   1.00 0.00 ? 2  DT  A O2     1 
ATOM   43  N N3     . DT  A 1 2  ? 7.346   10.073  6.995   1.00 0.00 ? 2  DT  A N3     1 
ATOM   44  C C4     . DT  A 1 2  ? 6.367   10.319  7.933   1.00 0.00 ? 2  DT  A C4     1 
ATOM   45  O O4     . DT  A 1 2  ? 6.420   9.709   9.003   1.00 0.00 ? 2  DT  A O4     1 
ATOM   46  C C5     . DT  A 1 2  ? 5.396   11.356  7.572   1.00 0.00 ? 2  DT  A C5     1 
ATOM   47  C C7     . DT  A 1 2  ? 4.281   11.769  8.544   1.00 0.00 ? 2  DT  A C7     1 
ATOM   48  C C6     . DT  A 1 2  ? 5.582   12.069  6.435   1.00 0.00 ? 2  DT  A C6     1 
ATOM   49  H "H5'"  . DT  A 1 2  ? 6.998   16.658  5.163   1.00 0.00 ? 2  DT  A "H5'"  1 
ATOM   50  H "H5''" . DT  A 1 2  ? 6.364   16.967  3.539   1.00 0.00 ? 2  DT  A "H5''" 1 
ATOM   51  H "H4'"  . DT  A 1 2  ? 7.897   15.339  3.425   1.00 0.00 ? 2  DT  A "H4'"  1 
ATOM   52  H "H3'"  . DT  A 1 2  ? 5.380   14.986  2.462   1.00 0.00 ? 2  DT  A "H3'"  1 
ATOM   53  H "H2'"  . DT  A 1 2  ? 4.732   13.420  4.083   1.00 0.00 ? 2  DT  A "H2'"  1 
ATOM   54  H "H2''" . DT  A 1 2  ? 5.291   12.242  2.874   1.00 0.00 ? 2  DT  A "H2''" 1 
ATOM   55  H "H1'"  . DT  A 1 2  ? 7.557   12.288  3.753   1.00 0.00 ? 2  DT  A "H1'"  1 
ATOM   56  H H3     . DT  A 1 2  ? 8.016   9.383   7.303   1.00 0.00 ? 2  DT  A H3     1 
ATOM   57  H H71    . DT  A 1 2  ? 3.504   11.017  8.396   1.00 0.00 ? 2  DT  A H71    1 
ATOM   58  H H72    . DT  A 1 2  ? 3.863   12.755  8.347   1.00 0.00 ? 2  DT  A H72    1 
ATOM   59  H H73    . DT  A 1 2  ? 4.663   11.750  9.564   1.00 0.00 ? 2  DT  A H73    1 
ATOM   60  H H6     . DT  A 1 2  ? 4.913   12.866  6.148   1.00 0.00 ? 2  DT  A H6     1 
ATOM   61  P P      . DA  A 1 3  ? 6.535   13.568  0.278   1.00 0.00 ? 3  DA  A P      1 
ATOM   62  O OP1    . DA  A 1 3  ? 7.105   14.495  -0.699  1.00 0.00 ? 3  DA  A OP1    1 
ATOM   63  O OP2    . DA  A 1 3  ? 5.074   13.344  0.301   1.00 0.00 ? 3  DA  A OP2    1 
ATOM   64  O "O5'"  . DA  A 1 3  ? 7.223   12.111  0.070   1.00 0.00 ? 3  DA  A "O5'"  1 
ATOM   65  C "C5'"  . DA  A 1 3  ? 8.626   12.042  -0.140  1.00 0.00 ? 3  DA  A "C5'"  1 
ATOM   66  C "C4'"  . DA  A 1 3  ? 9.224   10.606  -0.192  1.00 0.00 ? 3  DA  A "C4'"  1 
ATOM   67  O "O4'"  . DA  A 1 3  ? 9.048   9.862   1.046   1.00 0.00 ? 3  DA  A "O4'"  1 
ATOM   68  C "C3'"  . DA  A 1 3  ? 8.623   9.771   -1.340  1.00 0.00 ? 3  DA  A "C3'"  1 
ATOM   69  O "O3'"  . DA  A 1 3  ? 9.677   8.961   -1.894  1.00 0.00 ? 3  DA  A "O3'"  1 
ATOM   70  C "C2'"  . DA  A 1 3  ? 7.521   9.017   -0.542  1.00 0.00 ? 3  DA  A "C2'"  1 
ATOM   71  C "C1'"  . DA  A 1 3  ? 8.117   8.822   0.847   1.00 0.00 ? 3  DA  A "C1'"  1 
ATOM   72  N N9     . DA  A 1 3  ? 7.131   8.798   1.957   1.00 0.00 ? 3  DA  A N9     1 
ATOM   73  C C8     . DA  A 1 3  ? 5.898   9.447   2.070   1.00 0.00 ? 3  DA  A C8     1 
ATOM   74  N N7     . DA  A 1 3  ? 5.289   9.259   3.203   1.00 0.00 ? 3  DA  A N7     1 
ATOM   75  C C5     . DA  A 1 3  ? 6.171   8.369   3.882   1.00 0.00 ? 3  DA  A C5     1 
ATOM   76  C C6     . DA  A 1 3  ? 6.067   7.641   5.092   1.00 0.00 ? 3  DA  A C6     1 
ATOM   77  N N6     . DA  A 1 3  ? 5.038   7.615   5.898   1.00 0.00 ? 3  DA  A N6     1 
ATOM   78  N N1     . DA  A 1 3  ? 7.025   6.837   5.502   1.00 0.00 ? 3  DA  A N1     1 
ATOM   79  C C2     . DA  A 1 3  ? 8.106   6.724   4.743   1.00 0.00 ? 3  DA  A C2     1 
ATOM   80  N N3     . DA  A 1 3  ? 8.335   7.353   3.554   1.00 0.00 ? 3  DA  A N3     1 
ATOM   81  C C4     . DA  A 1 3  ? 7.308   8.168   3.151   1.00 0.00 ? 3  DA  A C4     1 
ATOM   82  H "H5'"  . DA  A 1 3  ? 9.167   12.677  0.561   1.00 0.00 ? 3  DA  A "H5'"  1 
ATOM   83  H "H5''" . DA  A 1 3  ? 8.790   12.425  -1.148  1.00 0.00 ? 3  DA  A "H5''" 1 
ATOM   84  H "H4'"  . DA  A 1 3  ? 10.300  10.722  -0.319  1.00 0.00 ? 3  DA  A "H4'"  1 
ATOM   85  H "H3'"  . DA  A 1 3  ? 8.141   10.407  -2.083  1.00 0.00 ? 3  DA  A "H3'"  1 
ATOM   86  H "H2'"  . DA  A 1 3  ? 6.599   9.597   -0.494  1.00 0.00 ? 3  DA  A "H2'"  1 
ATOM   87  H "H2''" . DA  A 1 3  ? 7.256   8.090   -1.051  1.00 0.00 ? 3  DA  A "H2''" 1 
ATOM   88  H "H1'"  . DA  A 1 3  ? 8.746   7.932   0.826   1.00 0.00 ? 3  DA  A "H1'"  1 
ATOM   89  H H8     . DA  A 1 3  ? 5.488   10.086  1.303   1.00 0.00 ? 3  DA  A H8     1 
ATOM   90  H H61    . DA  A 1 3  ? 4.197   8.099   5.622   1.00 0.00 ? 3  DA  A H61    1 
ATOM   91  H H62    . DA  A 1 3  ? 5.080   7.048   6.733   1.00 0.00 ? 3  DA  A H62    1 
ATOM   92  H H2     . DA  A 1 3  ? 8.942   6.132   5.086   1.00 0.00 ? 3  DA  A H2     1 
ATOM   93  P P      . DA  A 1 4  ? 9.367   7.934   -3.060  1.00 0.00 ? 4  DA  A P      1 
ATOM   94  O OP1    . DA  A 1 4  ? 10.611  7.736   -3.819  1.00 0.00 ? 4  DA  A OP1    1 
ATOM   95  O OP2    . DA  A 1 4  ? 8.228   8.502   -3.808  1.00 0.00 ? 4  DA  A OP2    1 
ATOM   96  O "O5'"  . DA  A 1 4  ? 8.954   6.565   -2.356  1.00 0.00 ? 4  DA  A "O5'"  1 
ATOM   97  C "C5'"  . DA  A 1 4  ? 9.884   5.762   -1.642  1.00 0.00 ? 4  DA  A "C5'"  1 
ATOM   98  C "C4'"  . DA  A 1 4  ? 9.525   4.240   -1.538  1.00 0.00 ? 4  DA  A "C4'"  1 
ATOM   99  O "O4'"  . DA  A 1 4  ? 8.726   4.114   -0.395  1.00 0.00 ? 4  DA  A "O4'"  1 
ATOM   100 C "C3'"  . DA  A 1 4  ? 8.758   3.631   -2.722  1.00 0.00 ? 4  DA  A "C3'"  1 
ATOM   101 O "O3'"  . DA  A 1 4  ? 9.174   2.295   -2.989  1.00 0.00 ? 4  DA  A "O3'"  1 
ATOM   102 C "C2'"  . DA  A 1 4  ? 7.313   3.792   -2.284  1.00 0.00 ? 4  DA  A "C2'"  1 
ATOM   103 C "C1'"  . DA  A 1 4  ? 7.397   3.785   -0.755  1.00 0.00 ? 4  DA  A "C1'"  1 
ATOM   104 N N9     . DA  A 1 4  ? 6.590   4.683   0.050   1.00 0.00 ? 4  DA  A N9     1 
ATOM   105 C C8     . DA  A 1 4  ? 5.763   5.716   -0.339  1.00 0.00 ? 4  DA  A C8     1 
ATOM   106 N N7     . DA  A 1 4  ? 4.895   6.099   0.565   1.00 0.00 ? 4  DA  A N7     1 
ATOM   107 C C5     . DA  A 1 4  ? 5.142   5.252   1.637   1.00 0.00 ? 4  DA  A C5     1 
ATOM   108 C C6     . DA  A 1 4  ? 4.610   5.102   2.918   1.00 0.00 ? 4  DA  A C6     1 
ATOM   109 N N6     . DA  A 1 4  ? 3.496   5.712   3.354   1.00 0.00 ? 4  DA  A N6     1 
ATOM   110 N N1     . DA  A 1 4  ? 5.039   4.183   3.784   1.00 0.00 ? 4  DA  A N1     1 
ATOM   111 C C2     . DA  A 1 4  ? 6.013   3.408   3.391   1.00 0.00 ? 4  DA  A C2     1 
ATOM   112 N N3     . DA  A 1 4  ? 6.656   3.439   2.223   1.00 0.00 ? 4  DA  A N3     1 
ATOM   113 C C4     . DA  A 1 4  ? 6.175   4.402   1.352   1.00 0.00 ? 4  DA  A C4     1 
ATOM   114 H "H5'"  . DA  A 1 4  ? 9.949   6.088   -0.604  1.00 0.00 ? 4  DA  A "H5'"  1 
ATOM   115 H "H5''" . DA  A 1 4  ? 10.897  5.826   -2.039  1.00 0.00 ? 4  DA  A "H5''" 1 
ATOM   116 H "H4'"  . DA  A 1 4  ? 10.456  3.709   -1.337  1.00 0.00 ? 4  DA  A "H4'"  1 
ATOM   117 H "H3'"  . DA  A 1 4  ? 8.989   4.229   -3.604  1.00 0.00 ? 4  DA  A "H3'"  1 
ATOM   118 H "H2'"  . DA  A 1 4  ? 6.902   4.738   -2.637  1.00 0.00 ? 4  DA  A "H2'"  1 
ATOM   119 H "H2''" . DA  A 1 4  ? 6.669   2.972   -2.602  1.00 0.00 ? 4  DA  A "H2''" 1 
ATOM   120 H "H1'"  . DA  A 1 4  ? 7.155   2.771   -0.439  1.00 0.00 ? 4  DA  A "H1'"  1 
ATOM   121 H H8     . DA  A 1 4  ? 5.773   6.043   -1.367  1.00 0.00 ? 4  DA  A H8     1 
ATOM   122 H H61    . DA  A 1 4  ? 2.955   6.335   2.770   1.00 0.00 ? 4  DA  A H61    1 
ATOM   123 H H62    . DA  A 1 4  ? 3.021   5.433   4.200   1.00 0.00 ? 4  DA  A H62    1 
ATOM   124 H H2     . DA  A 1 4  ? 6.339   2.680   4.119   1.00 0.00 ? 4  DA  A H2     1 
HETATM 125 C C3A    . FAG A 1 5  ? 0.930   1.796   3.155   1.00 0.00 ? 5  FAG A C3A    1 
HETATM 126 C C3     . FAG A 1 5  ? 0.792   1.038   4.408   1.00 0.00 ? 5  FAG A C3     1 
HETATM 127 C C2A    . FAG A 1 5  ? -0.514  1.257   5.008   1.00 0.00 ? 5  FAG A C2A    1 
HETATM 128 C C1     . FAG A 1 5  ? -1.050  2.417   4.190   1.00 0.00 ? 5  FAG A C1     1 
HETATM 129 O O1     . FAG A 1 5  ? -2.119  2.982   4.525   1.00 0.00 ? 5  FAG A O1     1 
HETATM 130 P P      . FAG A 1 5  ? 9.264   1.656   -4.508  1.00 0.00 ? 5  FAG A P      1 
HETATM 131 O O1P    . FAG A 1 5  ? 10.537  0.952   -4.569  1.00 0.00 ? 5  FAG A O1P    1 
HETATM 132 O O2P    . FAG A 1 5  ? 8.942   2.678   -5.496  1.00 0.00 ? 5  FAG A O2P    1 
HETATM 133 O "O5'"  . FAG A 1 5  ? 8.096   0.589   -4.563  1.00 0.00 ? 5  FAG A "O5'"  1 
HETATM 134 C "C5'"  . FAG A 1 5  ? 8.291   -0.664  -3.920  1.00 0.00 ? 5  FAG A "C5'"  1 
HETATM 135 C "C4'"  . FAG A 1 5  ? 7.075   -1.620  -3.970  1.00 0.00 ? 5  FAG A "C4'"  1 
HETATM 136 O "O4'"  . FAG A 1 5  ? 6.132   -1.224  -2.935  1.00 0.00 ? 5  FAG A "O4'"  1 
HETATM 137 C "C1'"  . FAG A 1 5  ? 4.809   -1.254  -3.493  1.00 0.00 ? 5  FAG A "C1'"  1 
HETATM 138 N N9     . FAG A 1 5  ? 3.543   -0.573  -3.095  1.00 0.00 ? 5  FAG A N9     1 
HETATM 139 C C4     . FAG A 1 5  ? 2.632   -0.721  -2.146  1.00 0.00 ? 5  FAG A C4     1 
HETATM 140 N N3     . FAG A 1 5  ? 2.810   -1.731  -1.293  1.00 0.00 ? 5  FAG A N3     1 
HETATM 141 C C2     . FAG A 1 5  ? 1.931   -1.814  -0.333  1.00 0.00 ? 5  FAG A C2     1 
HETATM 142 N N2     . FAG A 1 5  ? 2.068   -2.724  0.611   1.00 0.00 ? 5  FAG A N2     1 
HETATM 143 N N1     . FAG A 1 5  ? 0.916   -0.975  -0.156  1.00 0.00 ? 5  FAG A N1     1 
HETATM 144 C C6     . FAG A 1 5  ? 0.715   0.074   -0.973  1.00 0.00 ? 5  FAG A C6     1 
HETATM 145 O O6     . FAG A 1 5  ? -0.275  0.744   -0.757  1.00 0.00 ? 5  FAG A O6     1 
HETATM 146 C C5     . FAG A 1 5  ? 1.618   0.177   -2.095  1.00 0.00 ? 5  FAG A C5     1 
HETATM 147 N N7     . FAG A 1 5  ? 1.317   1.239   -2.921  1.00 0.00 ? 5  FAG A N7     1 
HETATM 148 C C8     . FAG A 1 5  ? 0.449   0.756   -3.872  1.00 0.00 ? 5  FAG A C8     1 
HETATM 149 O O8     . FAG A 1 5  ? 0.795   0.659   -5.031  1.00 0.00 ? 5  FAG A O8     1 
HETATM 150 C "C2'"  . FAG A 1 5  ? 5.046   -0.915  -4.980  1.00 0.00 ? 5  FAG A "C2'"  1 
HETATM 151 C "C3'"  . FAG A 1 5  ? 6.323   -1.683  -5.321  1.00 0.00 ? 5  FAG A "C3'"  1 
HETATM 152 O "O3'"  . FAG A 1 5  ? 5.898   -2.959  -5.763  1.00 0.00 ? 5  FAG A "O3'"  1 
HETATM 153 C C8A    . FAG A 1 5  ? 2.046   2.526   -3.153  1.00 0.00 ? 5  FAG A C8A    1 
HETATM 154 C C9     . FAG A 1 5  ? 1.570   3.630   -2.150  1.00 0.00 ? 5  FAG A C9     1 
HETATM 155 O O9     . FAG A 1 5  ? 1.519   4.900   -2.777  1.00 0.00 ? 5  FAG A O9     1 
HETATM 156 C C9A    . FAG A 1 5  ? 2.645   3.708   -1.067  1.00 0.00 ? 5  FAG A C9A    1 
HETATM 157 C C9B    . FAG A 1 5  ? 2.570   2.885   0.114   1.00 0.00 ? 5  FAG A C9B    1 
HETATM 158 O O7     . FAG A 1 5  ? 3.473   2.620   -3.090  1.00 0.00 ? 5  FAG A O7     1 
HETATM 159 C C6A    . FAG A 1 5  ? 3.842   3.164   -1.856  1.00 0.00 ? 5  FAG A C6A    1 
HETATM 160 O O6A    . FAG A 1 5  ? 4.304   2.054   -1.148  1.00 0.00 ? 5  FAG A O6A    1 
HETATM 161 C C5M    . FAG A 1 5  ? 3.576   2.019   -0.048  1.00 0.00 ? 5  FAG A C5M    1 
HETATM 162 C C5B    . FAG A 1 5  ? 3.886   1.150   1.010   1.00 0.00 ? 5  FAG A C5B    1 
HETATM 163 C C4B    . FAG A 1 5  ? 3.062   1.016   2.118   1.00 0.00 ? 5  FAG A C4B    1 
HETATM 164 O O4     . FAG A 1 5  ? 3.411   0.114   3.039   1.00 0.00 ? 5  FAG A O4     1 
HETATM 165 C CM     . FAG A 1 5  ? 4.707   -0.218  3.580   1.00 0.00 ? 5  FAG A CM     1 
HETATM 166 C C4A    . FAG A 1 5  ? 1.907   1.836   2.148   1.00 0.00 ? 5  FAG A C4A    1 
HETATM 167 C CAA    . FAG A 1 5  ? 1.672   2.734   1.141   1.00 0.00 ? 5  FAG A CAA    1 
HETATM 168 O O10    . FAG A 1 5  ? 0.571   3.461   1.075   1.00 0.00 ? 5  FAG A O10    1 
HETATM 169 C C11    . FAG A 1 5  ? -0.400  3.402   1.999   1.00 0.00 ? 5  FAG A C11    1 
HETATM 170 O O11    . FAG A 1 5  ? -1.346  4.166   1.839   1.00 0.00 ? 5  FAG A O11    1 
HETATM 171 C CBA    . FAG A 1 5  ? -0.185  2.558   3.089   1.00 0.00 ? 5  FAG A CBA    1 
HETATM 172 H H31    . FAG A 1 5  ? 1.563   1.257   5.146   1.00 0.00 ? 5  FAG A H31    1 
HETATM 173 H H32    . FAG A 1 5  ? 0.891   -0.023  4.175   1.00 0.00 ? 5  FAG A H32    1 
HETATM 174 H H2A1   . FAG A 1 5  ? -0.457  1.462   6.076   1.00 0.00 ? 5  FAG A H2A1   1 
HETATM 175 H H2A2   . FAG A 1 5  ? -1.206  0.434   4.828   1.00 0.00 ? 5  FAG A H2A2   1 
HETATM 176 H "H5'1" . FAG A 1 5  ? 8.550   -0.509  -2.873  1.00 0.00 ? 5  FAG A "H5'1" 1 
HETATM 177 H "H5'2" . FAG A 1 5  ? 9.137   -1.177  -4.378  1.00 0.00 ? 5  FAG A "H5'2" 1 
HETATM 178 H "H4'"  . FAG A 1 5  ? 7.499   -2.594  -3.727  1.00 0.00 ? 5  FAG A "H4'"  1 
HETATM 179 H "H1'"  . FAG A 1 5  ? 4.529   -2.307  -3.460  1.00 0.00 ? 5  FAG A "H1'"  1 
HETATM 180 H HN9    . FAG A 1 5  ? 3.368   0.253   -3.648  1.00 0.00 ? 5  FAG A HN9    1 
HETATM 181 H HN21   . FAG A 1 5  ? 2.678   -3.514  0.461   1.00 0.00 ? 5  FAG A HN21   1 
HETATM 182 H HN22   . FAG A 1 5  ? 1.419   -2.685  1.385   1.00 0.00 ? 5  FAG A HN22   1 
HETATM 183 H H1     . FAG A 1 5  ? 0.281   -1.068  0.624   1.00 0.00 ? 5  FAG A H1     1 
HETATM 184 H H8     . FAG A 1 5  ? -0.549  0.455   -3.587  1.00 0.00 ? 5  FAG A H8     1 
HETATM 185 H "H2'1" . FAG A 1 5  ? 5.188   0.162   -5.071  1.00 0.00 ? 5  FAG A "H2'1" 1 
HETATM 186 H "H2'2" . FAG A 1 5  ? 4.220   -1.197  -5.634  1.00 0.00 ? 5  FAG A "H2'2" 1 
HETATM 187 H "H3'"  . FAG A 1 5  ? 6.919   -1.177  -6.081  1.00 0.00 ? 5  FAG A "H3'"  1 
HETATM 188 H H8A    . FAG A 1 5  ? 1.772   2.826   -4.165  1.00 0.00 ? 5  FAG A H8A    1 
HETATM 189 H H9     . FAG A 1 5  ? 0.602   3.393   -1.708  1.00 0.00 ? 5  FAG A H9     1 
HETATM 190 H HO9    . FAG A 1 5  ? 0.734   4.921   -3.329  1.00 0.00 ? 5  FAG A HO9    1 
HETATM 191 H H9A    . FAG A 1 5  ? 2.822   4.753   -0.815  1.00 0.00 ? 5  FAG A H9A    1 
HETATM 192 H H6A    . FAG A 1 5  ? 4.644   3.894   -1.969  1.00 0.00 ? 5  FAG A H6A    1 
HETATM 193 H H5B    . FAG A 1 5  ? 4.715   0.465   0.910   1.00 0.00 ? 5  FAG A H5B    1 
HETATM 194 H HM1    . FAG A 1 5  ? 5.327   -0.618  2.779   1.00 0.00 ? 5  FAG A HM1    1 
HETATM 195 H HM2    . FAG A 1 5  ? 4.628   -0.954  4.380   1.00 0.00 ? 5  FAG A HM2    1 
HETATM 196 H HM3    . FAG A 1 5  ? 5.128   0.698   3.996   1.00 0.00 ? 5  FAG A HM3    1 
HETATM 197 P P      . 7GU A 1 6  ? 6.952   -4.177  -6.089  1.00 0.00 ? 6  7GU A P      1 
HETATM 198 O OP1    . 7GU A 1 6  ? 8.306   -3.628  -6.031  1.00 0.00 ? 6  7GU A OP1    1 
HETATM 199 O OP2    . 7GU A 1 6  ? 6.506   -4.873  -7.341  1.00 0.00 ? 6  7GU A OP2    1 
HETATM 200 O "O5'"  . 7GU A 1 6  ? 6.777   -5.143  -4.815  1.00 0.00 ? 6  7GU A "O5'"  1 
HETATM 201 N N9     . 7GU A 1 6  ? 2.175   -4.951  -3.253  1.00 0.00 ? 6  7GU A N9     1 
HETATM 202 C C4     . 7GU A 1 6  ? 1.032   -4.553  -2.586  1.00 0.00 ? 6  7GU A C4     1 
HETATM 203 N N3     . 7GU A 1 6  ? 0.602   -5.159  -1.482  1.00 0.00 ? 6  7GU A N3     1 
HETATM 204 C C2     . 7GU A 1 6  ? -0.465  -4.622  -0.957  1.00 0.00 ? 6  7GU A C2     1 
HETATM 205 N N2     . 7GU A 1 6  ? -1.018  -5.122  0.121   1.00 0.00 ? 6  7GU A N2     1 
HETATM 206 N N1     . 7GU A 1 6  ? -1.205  -3.646  -1.487  1.00 0.00 ? 6  7GU A N1     1 
HETATM 207 C C6     . 7GU A 1 6  ? -0.764  -3.000  -2.652  1.00 0.00 ? 6  7GU A C6     1 
HETATM 208 O O6     . 7GU A 1 6  ? -1.425  -2.041  -3.089  1.00 0.00 ? 6  7GU A O6     1 
HETATM 209 C C5     . 7GU A 1 6  ? 0.454   -3.507  -3.217  1.00 0.00 ? 6  7GU A C5     1 
HETATM 210 C C7     . 7GU A 1 6  ? 1.284   -3.232  -4.245  1.00 0.00 ? 6  7GU A C7     1 
HETATM 211 C C8     . 7GU A 1 6  ? 2.366   -4.131  -4.335  1.00 0.00 ? 6  7GU A C8     1 
HETATM 212 C "C2'"  . 7GU A 1 6  ? 2.982   -7.209  -3.748  1.00 0.00 ? 6  7GU A "C2'"  1 
HETATM 213 C "C5'"  . 7GU A 1 6  ? 5.727   -6.142  -4.860  1.00 0.00 ? 6  7GU A "C5'"  1 
HETATM 214 C "C4'"  . 7GU A 1 6  ? 5.259   -6.606  -3.536  1.00 0.00 ? 6  7GU A "C4'"  1 
HETATM 215 O "O4'"  . 7GU A 1 6  ? 4.496   -5.559  -2.965  1.00 0.00 ? 6  7GU A "O4'"  1 
HETATM 216 C "C1'"  . 7GU A 1 6  ? 3.122   -5.999  -2.832  1.00 0.00 ? 6  7GU A "C1'"  1 
HETATM 217 C "C3'"  . 7GU A 1 6  ? 4.383   -7.848  -3.604  1.00 0.00 ? 6  7GU A "C3'"  1 
HETATM 218 O "O3'"  . 7GU A 1 6  ? 4.506   -8.657  -2.445  1.00 0.00 ? 6  7GU A "O3'"  1 
HETATM 219 H HN21   . 7GU A 1 6  ? -0.591  -5.948  0.515   1.00 0.00 ? 6  7GU A HN21   1 
HETATM 220 H HN22   . 7GU A 1 6  ? -1.799  -4.636  0.539   1.00 0.00 ? 6  7GU A HN22   1 
HETATM 221 H HN1    . 7GU A 1 6  ? -2.019  -3.269  -1.021  1.00 0.00 ? 6  7GU A HN1    1 
HETATM 222 H H7     . 7GU A 1 6  ? 1.009   -2.472  -4.960  1.00 0.00 ? 6  7GU A H7     1 
HETATM 223 H H8     . 7GU A 1 6  ? 2.794   -4.450  -5.273  1.00 0.00 ? 6  7GU A H8     1 
HETATM 224 H "H2'"  . 7GU A 1 6  ? 2.779   -6.939  -4.783  1.00 0.00 ? 6  7GU A "H2'"  1 
HETATM 225 H "H2''" . 7GU A 1 6  ? 2.215   -7.918  -3.439  1.00 0.00 ? 6  7GU A "H2''" 1 
HETATM 226 H "H5'"  . 7GU A 1 6  ? 4.868   -5.700  -5.364  1.00 0.00 ? 6  7GU A "H5'"  1 
HETATM 227 H "H5''" . 7GU A 1 6  ? 6.086   -6.982  -5.457  1.00 0.00 ? 6  7GU A "H5''" 1 
HETATM 228 H "H4'"  . 7GU A 1 6  ? 6.080   -6.843  -2.859  1.00 0.00 ? 6  7GU A "H4'"  1 
HETATM 229 H "H1'"  . 7GU A 1 6  ? 2.903   -6.292  -1.804  1.00 0.00 ? 6  7GU A "H1'"  1 
HETATM 230 H "H3'"  . 7GU A 1 6  ? 4.622   -8.434  -4.492  1.00 0.00 ? 6  7GU A "H3'"  1 
ATOM   231 P P      . DT  A 1 7  ? 3.880   -10.133 -2.402  1.00 0.00 ? 7  DT  A P      1 
ATOM   232 O OP1    . DT  A 1 7  ? 4.668   -10.971 -1.461  1.00 0.00 ? 7  DT  A OP1    1 
ATOM   233 O OP2    . DT  A 1 7  ? 3.705   -10.637 -3.824  1.00 0.00 ? 7  DT  A OP2    1 
ATOM   234 O "O5'"  . DT  A 1 7  ? 2.391   -9.927  -1.866  1.00 0.00 ? 7  DT  A "O5'"  1 
ATOM   235 C "C5'"  . DT  A 1 7  ? 2.057   -9.655  -0.467  1.00 0.00 ? 7  DT  A "C5'"  1 
ATOM   236 C "C4'"  . DT  A 1 7  ? 0.562   -9.608  -0.130  1.00 0.00 ? 7  DT  A "C4'"  1 
ATOM   237 O "O4'"  . DT  A 1 7  ? -0.021  -8.464  -0.662  1.00 0.00 ? 7  DT  A "O4'"  1 
ATOM   238 C "C3'"  . DT  A 1 7  ? -0.230  -10.806 -0.675  1.00 0.00 ? 7  DT  A "C3'"  1 
ATOM   239 O "O3'"  . DT  A 1 7  ? -1.074  -11.209 0.397   1.00 0.00 ? 7  DT  A "O3'"  1 
ATOM   240 C "C2'"  . DT  A 1 7  ? -1.016  -10.249 -1.862  1.00 0.00 ? 7  DT  A "C2'"  1 
ATOM   241 C "C1'"  . DT  A 1 7  ? -1.214  -8.773  -1.396  1.00 0.00 ? 7  DT  A "C1'"  1 
ATOM   242 N N1     . DT  A 1 7  ? -1.456  -7.712  -2.437  1.00 0.00 ? 7  DT  A N1     1 
ATOM   243 C C2     . DT  A 1 7  ? -2.541  -6.858  -2.275  1.00 0.00 ? 7  DT  A C2     1 
ATOM   244 O O2     . DT  A 1 7  ? -3.306  -6.938  -1.321  1.00 0.00 ? 7  DT  A O2     1 
ATOM   245 N N3     . DT  A 1 7  ? -2.730  -5.888  -3.266  1.00 0.00 ? 7  DT  A N3     1 
ATOM   246 C C4     . DT  A 1 7  ? -2.042  -5.757  -4.424  1.00 0.00 ? 7  DT  A C4     1 
ATOM   247 O O4     . DT  A 1 7  ? -2.245  -4.802  -5.137  1.00 0.00 ? 7  DT  A O4     1 
ATOM   248 C C5     . DT  A 1 7  ? -1.012  -6.779  -4.612  1.00 0.00 ? 7  DT  A C5     1 
ATOM   249 C C7     . DT  A 1 7  ? -0.144  -6.651  -5.844  1.00 0.00 ? 7  DT  A C7     1 
ATOM   250 C C6     . DT  A 1 7  ? -0.737  -7.690  -3.606  1.00 0.00 ? 7  DT  A C6     1 
ATOM   251 H "H5'"  . DT  A 1 7  ? 2.500   -8.684  -0.245  1.00 0.00 ? 7  DT  A "H5'"  1 
ATOM   252 H "H5''" . DT  A 1 7  ? 2.556   -10.400 0.153   1.00 0.00 ? 7  DT  A "H5''" 1 
ATOM   253 H "H4'"  . DT  A 1 7  ? 0.450   -9.521  0.950   1.00 0.00 ? 7  DT  A "H4'"  1 
ATOM   254 H "H3'"  . DT  A 1 7  ? 0.468   -11.591 -0.966  1.00 0.00 ? 7  DT  A "H3'"  1 
ATOM   255 H "H2'"  . DT  A 1 7  ? -0.446  -10.321 -2.789  1.00 0.00 ? 7  DT  A "H2'"  1 
ATOM   256 H "H2''" . DT  A 1 7  ? -2.002  -10.708 -1.936  1.00 0.00 ? 7  DT  A "H2''" 1 
ATOM   257 H "H1'"  . DT  A 1 7  ? -2.012  -8.753  -0.654  1.00 0.00 ? 7  DT  A "H1'"  1 
ATOM   258 H H3     . DT  A 1 7  ? -3.529  -5.284  -3.138  1.00 0.00 ? 7  DT  A H3     1 
ATOM   259 H H71    . DT  A 1 7  ? 0.478   -7.541  -5.939  1.00 0.00 ? 7  DT  A H71    1 
ATOM   260 H H72    . DT  A 1 7  ? 0.412   -5.727  -5.681  1.00 0.00 ? 7  DT  A H72    1 
ATOM   261 H H73    . DT  A 1 7  ? -0.755  -6.606  -6.745  1.00 0.00 ? 7  DT  A H73    1 
ATOM   262 H H6     . DT  A 1 7  ? 0.152   -8.297  -3.686  1.00 0.00 ? 7  DT  A H6     1 
ATOM   263 P P      . DT  A 1 8  ? -2.037  -12.471 0.343   1.00 0.00 ? 8  DT  A P      1 
ATOM   264 O OP1    . DT  A 1 8  ? -2.149  -13.099 1.678   1.00 0.00 ? 8  DT  A OP1    1 
ATOM   265 O OP2    . DT  A 1 8  ? -1.642  -13.302 -0.819  1.00 0.00 ? 8  DT  A OP2    1 
ATOM   266 O "O5'"  . DT  A 1 8  ? -3.456  -11.804 -0.007  1.00 0.00 ? 8  DT  A "O5'"  1 
ATOM   267 C "C5'"  . DT  A 1 8  ? -4.267  -11.077 0.917   1.00 0.00 ? 8  DT  A "C5'"  1 
ATOM   268 C "C4'"  . DT  A 1 8  ? -5.629  -10.578 0.287   1.00 0.00 ? 8  DT  A "C4'"  1 
ATOM   269 O "O4'"  . DT  A 1 8  ? -5.428  -9.579  -0.663  1.00 0.00 ? 8  DT  A "O4'"  1 
ATOM   270 C "C3'"  . DT  A 1 8  ? -6.458  -11.704 -0.415  1.00 0.00 ? 8  DT  A "C3'"  1 
ATOM   271 O "O3'"  . DT  A 1 8  ? -7.752  -11.766 0.220   1.00 0.00 ? 8  DT  A "O3'"  1 
ATOM   272 C "C2'"  . DT  A 1 8  ? -6.569  -11.293 -1.865  1.00 0.00 ? 8  DT  A "C2'"  1 
ATOM   273 C "C1'"  . DT  A 1 8  ? -6.326  -9.772  -1.765  1.00 0.00 ? 8  DT  A "C1'"  1 
ATOM   274 N N1     . DT  A 1 8  ? -5.718  -9.133  -2.945  1.00 0.00 ? 8  DT  A N1     1 
ATOM   275 C C2     . DT  A 1 8  ? -6.353  -7.998  -3.490  1.00 0.00 ? 8  DT  A C2     1 
ATOM   276 O O2     . DT  A 1 8  ? -7.400  -7.569  -3.045  1.00 0.00 ? 8  DT  A O2     1 
ATOM   277 N N3     . DT  A 1 8  ? -5.798  -7.431  -4.633  1.00 0.00 ? 8  DT  A N3     1 
ATOM   278 C C4     . DT  A 1 8  ? -4.703  -7.872  -5.261  1.00 0.00 ? 8  DT  A C4     1 
ATOM   279 O O4     . DT  A 1 8  ? -4.290  -7.299  -6.271  1.00 0.00 ? 8  DT  A O4     1 
ATOM   280 C C5     . DT  A 1 8  ? -4.080  -9.043  -4.670  1.00 0.00 ? 8  DT  A C5     1 
ATOM   281 C C7     . DT  A 1 8  ? -2.904  -9.730  -5.351  1.00 0.00 ? 8  DT  A C7     1 
ATOM   282 C C6     . DT  A 1 8  ? -4.551  -9.604  -3.514  1.00 0.00 ? 8  DT  A C6     1 
ATOM   283 H "H5'"  . DT  A 1 8  ? -3.736  -10.232 1.353   1.00 0.00 ? 8  DT  A "H5'"  1 
ATOM   284 H "H5''" . DT  A 1 8  ? -4.532  -11.771 1.714   1.00 0.00 ? 8  DT  A "H5''" 1 
ATOM   285 H "H4'"  . DT  A 1 8  ? -6.193  -10.111 1.094   1.00 0.00 ? 8  DT  A "H4'"  1 
ATOM   286 H "H3'"  . DT  A 1 8  ? -5.908  -12.641 -0.327  1.00 0.00 ? 8  DT  A "H3'"  1 
ATOM   287 H "H2'"  . DT  A 1 8  ? -5.787  -11.797 -2.433  1.00 0.00 ? 8  DT  A "H2'"  1 
ATOM   288 H "H2''" . DT  A 1 8  ? -7.552  -11.519 -2.279  1.00 0.00 ? 8  DT  A "H2''" 1 
ATOM   289 H "H1'"  . DT  A 1 8  ? -7.272  -9.261  -1.582  1.00 0.00 ? 8  DT  A "H1'"  1 
ATOM   290 H H3     . DT  A 1 8  ? -6.339  -6.702  -5.075  1.00 0.00 ? 8  DT  A H3     1 
ATOM   291 H H71    . DT  A 1 8  ? -3.286  -10.336 -6.173  1.00 0.00 ? 8  DT  A H71    1 
ATOM   292 H H72    . DT  A 1 8  ? -2.355  -10.323 -4.620  1.00 0.00 ? 8  DT  A H72    1 
ATOM   293 H H73    . DT  A 1 8  ? -2.204  -9.013  -5.779  1.00 0.00 ? 8  DT  A H73    1 
ATOM   294 H H6     . DT  A 1 8  ? -4.067  -10.465 -3.079  1.00 0.00 ? 8  DT  A H6     1 
ATOM   295 P P      . DC  A 1 9  ? -8.999  -12.766 -0.137  1.00 0.00 ? 9  DC  A P      1 
ATOM   296 O OP1    . DC  A 1 9  ? -9.704  -13.160 1.106   1.00 0.00 ? 9  DC  A OP1    1 
ATOM   297 O OP2    . DC  A 1 9  ? -8.430  -13.821 -0.997  1.00 0.00 ? 9  DC  A OP2    1 
ATOM   298 O "O5'"  . DC  A 1 9  ? -10.005 -11.832 -0.999  1.00 0.00 ? 9  DC  A "O5'"  1 
ATOM   299 C "C5'"  . DC  A 1 9  ? -10.721 -10.707 -0.451  1.00 0.00 ? 9  DC  A "C5'"  1 
ATOM   300 C "C4'"  . DC  A 1 9  ? -11.597 -10.013 -1.524  1.00 0.00 ? 9  DC  A "C4'"  1 
ATOM   301 O "O4'"  . DC  A 1 9  ? -10.780 -9.344  -2.473  1.00 0.00 ? 9  DC  A "O4'"  1 
ATOM   302 C "C3'"  . DC  A 1 9  ? -12.608 -10.932 -2.245  1.00 0.00 ? 9  DC  A "C3'"  1 
ATOM   303 O "O3'"  . DC  A 1 9  ? -13.845 -10.383 -2.713  1.00 0.00 ? 9  DC  A "O3'"  1 
ATOM   304 C "C2'"  . DC  A 1 9  ? -11.750 -11.119 -3.512  1.00 0.00 ? 9  DC  A "C2'"  1 
ATOM   305 C "C1'"  . DC  A 1 9  ? -11.220 -9.697  -3.735  1.00 0.00 ? 9  DC  A "C1'"  1 
ATOM   306 N N1     . DC  A 1 9  ? -10.077 -9.618  -4.701  1.00 0.00 ? 9  DC  A N1     1 
ATOM   307 C C2     . DC  A 1 9  ? -10.068 -8.616  -5.675  1.00 0.00 ? 9  DC  A C2     1 
ATOM   308 O O2     . DC  A 1 9  ? -10.909 -7.739  -5.751  1.00 0.00 ? 9  DC  A O2     1 
ATOM   309 N N3     . DC  A 1 9  ? -9.074  -8.548  -6.579  1.00 0.00 ? 9  DC  A N3     1 
ATOM   310 C C4     . DC  A 1 9  ? -8.052  -9.341  -6.364  1.00 0.00 ? 9  DC  A C4     1 
ATOM   311 N N4     . DC  A 1 9  ? -7.065  -9.216  -7.258  1.00 0.00 ? 9  DC  A N4     1 
ATOM   312 C C5     . DC  A 1 9  ? -7.920  -10.285 -5.328  1.00 0.00 ? 9  DC  A C5     1 
ATOM   313 C C6     . DC  A 1 9  ? -9.006  -10.451 -4.525  1.00 0.00 ? 9  DC  A C6     1 
ATOM   314 H "H5'"  . DC  A 1 9  ? -10.043 -9.949  -0.058  1.00 0.00 ? 9  DC  A "H5'"  1 
ATOM   315 H "H5''" . DC  A 1 9  ? -11.356 -11.007 0.383   1.00 0.00 ? 9  DC  A "H5''" 1 
ATOM   316 H "H4'"  . DC  A 1 9  ? -12.238 -9.351  -0.942  1.00 0.00 ? 9  DC  A "H4'"  1 
ATOM   317 H "H3'"  . DC  A 1 9  ? -12.706 -11.921 -1.796  1.00 0.00 ? 9  DC  A "H3'"  1 
ATOM   318 H "H2'"  . DC  A 1 9  ? -10.932 -11.819 -3.338  1.00 0.00 ? 9  DC  A "H2'"  1 
ATOM   319 H "H2''" . DC  A 1 9  ? -12.407 -11.408 -4.332  1.00 0.00 ? 9  DC  A "H2''" 1 
ATOM   320 H "H1'"  . DC  A 1 9  ? -12.014 -8.993  -3.986  1.00 0.00 ? 9  DC  A "H1'"  1 
ATOM   321 H H41    . DC  A 1 9  ? -6.208  -9.704  -7.038  1.00 0.00 ? 9  DC  A H41    1 
ATOM   322 H H42    . DC  A 1 9  ? -7.124  -8.539  -8.003  1.00 0.00 ? 9  DC  A H42    1 
ATOM   323 H H5     . DC  A 1 9  ? -7.044  -10.907 -5.217  1.00 0.00 ? 9  DC  A H5     1 
ATOM   324 H H6     . DC  A 1 9  ? -9.039  -11.189 -3.737  1.00 0.00 ? 9  DC  A H6     1 
ATOM   325 P P      . DA  A 1 10 ? -15.107 -10.253 -1.794  1.00 0.00 ? 10 DA  A P      1 
ATOM   326 O OP1    . DA  A 1 10 ? -14.850 -9.256  -0.741  1.00 0.00 ? 10 DA  A OP1    1 
ATOM   327 O OP2    . DA  A 1 10 ? -15.478 -11.662 -1.442  1.00 0.00 ? 10 DA  A OP2    1 
ATOM   328 O "O5'"  . DA  A 1 10 ? -16.235 -9.687  -2.794  1.00 0.00 ? 10 DA  A "O5'"  1 
ATOM   329 C "C5'"  . DA  A 1 10 ? -16.564 -10.470 -3.961  1.00 0.00 ? 10 DA  A "C5'"  1 
ATOM   330 C "C4'"  . DA  A 1 10 ? -16.318 -9.630  -5.237  1.00 0.00 ? 10 DA  A "C4'"  1 
ATOM   331 O "O4'"  . DA  A 1 10 ? -14.952 -9.587  -5.585  1.00 0.00 ? 10 DA  A "O4'"  1 
ATOM   332 C "C3'"  . DA  A 1 10 ? -17.093 -10.172 -6.430  1.00 0.00 ? 10 DA  A "C3'"  1 
ATOM   333 O "O3'"  . DA  A 1 10 ? -18.050 -9.235  -6.865  1.00 0.00 ? 10 DA  A "O3'"  1 
ATOM   334 C "C2'"  . DA  A 1 10 ? -16.007 -10.313 -7.510  1.00 0.00 ? 10 DA  A "C2'"  1 
ATOM   335 C "C1'"  . DA  A 1 10 ? -14.846 -9.488  -6.986  1.00 0.00 ? 10 DA  A "C1'"  1 
ATOM   336 N N9     . DA  A 1 10 ? -13.507 -9.960  -7.437  1.00 0.00 ? 10 DA  A N9     1 
ATOM   337 C C8     . DA  A 1 10 ? -12.883 -11.140 -7.168  1.00 0.00 ? 10 DA  A C8     1 
ATOM   338 N N7     . DA  A 1 10 ? -11.682 -11.287 -7.682  1.00 0.00 ? 10 DA  A N7     1 
ATOM   339 C C5     . DA  A 1 10 ? -11.566 -10.132 -8.457  1.00 0.00 ? 10 DA  A C5     1 
ATOM   340 C C6     . DA  A 1 10 ? -10.599 -9.591  -9.334  1.00 0.00 ? 10 DA  A C6     1 
ATOM   341 N N6     . DA  A 1 10 ? -9.394  -10.087 -9.608  1.00 0.00 ? 10 DA  A N6     1 
ATOM   342 N N1     . DA  A 1 10 ? -10.842 -8.456  -10.039 1.00 0.00 ? 10 DA  A N1     1 
ATOM   343 C C2     . DA  A 1 10 ? -12.032 -7.879  -9.913  1.00 0.00 ? 10 DA  A C2     1 
ATOM   344 N N3     . DA  A 1 10 ? -12.965 -8.240  -9.042  1.00 0.00 ? 10 DA  A N3     1 
ATOM   345 C C4     . DA  A 1 10 ? -12.682 -9.340  -8.361  1.00 0.00 ? 10 DA  A C4     1 
ATOM   346 H "H5'"  . DA  A 1 10 ? -17.630 -10.688 -3.896  1.00 0.00 ? 10 DA  A "H5'"  1 
ATOM   347 H "H5''" . DA  A 1 10 ? -15.908 -11.334 -4.071  1.00 0.00 ? 10 DA  A "H5''" 1 
ATOM   348 H "H4'"  . DA  A 1 10 ? -16.564 -8.584  -5.056  1.00 0.00 ? 10 DA  A "H4'"  1 
ATOM   349 H "H3'"  . DA  A 1 10 ? -17.490 -11.156 -6.178  1.00 0.00 ? 10 DA  A "H3'"  1 
ATOM   350 H "HO3'" . DA  A 1 10 ? -18.633 -9.666  -7.494  1.00 0.00 ? 10 DA  A "HO3'" 1 
ATOM   351 H "H2'"  . DA  A 1 10 ? -15.668 -11.348 -7.548  1.00 0.00 ? 10 DA  A "H2'"  1 
ATOM   352 H "H2''" . DA  A 1 10 ? -16.280 -9.952  -8.502  1.00 0.00 ? 10 DA  A "H2''" 1 
ATOM   353 H "H1'"  . DA  A 1 10 ? -14.965 -8.447  -7.288  1.00 0.00 ? 10 DA  A "H1'"  1 
ATOM   354 H H8     . DA  A 1 10 ? -13.368 -11.891 -6.562  1.00 0.00 ? 10 DA  A H8     1 
ATOM   355 H H61    . DA  A 1 10 ? -8.972  -10.828 -9.066  1.00 0.00 ? 10 DA  A H61    1 
ATOM   356 H H62    . DA  A 1 10 ? -8.852  -9.591  -10.301 1.00 0.00 ? 10 DA  A H62    1 
ATOM   357 H H2     . DA  A 1 10 ? -12.205 -6.995  -10.509 1.00 0.00 ? 10 DA  A H2     1 
ATOM   358 O "O5'"  . DT  B 2 1  ? -8.627  -6.353  -19.449 1.00 0.00 ? 11 DT  B "O5'"  1 
ATOM   359 C "C5'"  . DT  B 2 1  ? -8.041  -5.359  -18.585 1.00 0.00 ? 11 DT  B "C5'"  1 
ATOM   360 C "C4'"  . DT  B 2 1  ? -9.088  -4.735  -17.595 1.00 0.00 ? 11 DT  B "C4'"  1 
ATOM   361 O "O4'"  . DT  B 2 1  ? -9.310  -5.618  -16.498 1.00 0.00 ? 11 DT  B "O4'"  1 
ATOM   362 C "C3'"  . DT  B 2 1  ? -8.563  -3.455  -16.949 1.00 0.00 ? 11 DT  B "C3'"  1 
ATOM   363 O "O3'"  . DT  B 2 1  ? -9.622  -2.504  -16.807 1.00 0.00 ? 11 DT  B "O3'"  1 
ATOM   364 C "C2'"  . DT  B 2 1  ? -8.003  -3.987  -15.652 1.00 0.00 ? 11 DT  B "C2'"  1 
ATOM   365 C "C1'"  . DT  B 2 1  ? -9.057  -4.962  -15.286 1.00 0.00 ? 11 DT  B "C1'"  1 
ATOM   366 N N1     . DT  B 2 1  ? -8.679  -5.970  -14.260 1.00 0.00 ? 11 DT  B N1     1 
ATOM   367 C C2     . DT  B 2 1  ? -9.545  -6.249  -13.164 1.00 0.00 ? 11 DT  B C2     1 
ATOM   368 O O2     . DT  B 2 1  ? -10.672 -5.694  -13.025 1.00 0.00 ? 11 DT  B O2     1 
ATOM   369 N N3     . DT  B 2 1  ? -9.183  -7.257  -12.315 1.00 0.00 ? 11 DT  B N3     1 
ATOM   370 C C4     . DT  B 2 1  ? -8.004  -7.989  -12.422 1.00 0.00 ? 11 DT  B C4     1 
ATOM   371 O O4     . DT  B 2 1  ? -7.815  -8.882  -11.625 1.00 0.00 ? 11 DT  B O4     1 
ATOM   372 C C5     . DT  B 2 1  ? -7.167  -7.647  -13.561 1.00 0.00 ? 11 DT  B C5     1 
ATOM   373 C C7     . DT  B 2 1  ? -5.902  -8.463  -13.879 1.00 0.00 ? 11 DT  B C7     1 
ATOM   374 C C6     . DT  B 2 1  ? -7.528  -6.699  -14.446 1.00 0.00 ? 11 DT  B C6     1 
ATOM   375 H "H5'"  . DT  B 2 1  ? -7.812  -4.514  -19.234 1.00 0.00 ? 11 DT  B "H5'"  1 
ATOM   376 H "H5''" . DT  B 2 1  ? -7.189  -5.774  -18.046 1.00 0.00 ? 11 DT  B "H5''" 1 
ATOM   377 H "H4'"  . DT  B 2 1  ? -9.994  -4.492  -18.150 1.00 0.00 ? 11 DT  B "H4'"  1 
ATOM   378 H "H3'"  . DT  B 2 1  ? -7.809  -3.005  -17.595 1.00 0.00 ? 11 DT  B "H3'"  1 
ATOM   379 H "H2'"  . DT  B 2 1  ? -7.065  -4.447  -15.966 1.00 0.00 ? 11 DT  B "H2'"  1 
ATOM   380 H "H2''" . DT  B 2 1  ? -7.825  -3.212  -14.906 1.00 0.00 ? 11 DT  B "H2''" 1 
ATOM   381 H "H1'"  . DT  B 2 1  ? -9.938  -4.406  -14.964 1.00 0.00 ? 11 DT  B "H1'"  1 
ATOM   382 H H3     . DT  B 2 1  ? -9.799  -7.616  -11.598 1.00 0.00 ? 11 DT  B H3     1 
ATOM   383 H H71    . DT  B 2 1  ? -5.429  -7.997  -14.743 1.00 0.00 ? 11 DT  B H71    1 
ATOM   384 H H72    . DT  B 2 1  ? -6.338  -9.438  -14.096 1.00 0.00 ? 11 DT  B H72    1 
ATOM   385 H H73    . DT  B 2 1  ? -5.274  -8.531  -12.991 1.00 0.00 ? 11 DT  B H73    1 
ATOM   386 H H6     . DT  B 2 1  ? -6.950  -6.561  -15.347 1.00 0.00 ? 11 DT  B H6     1 
ATOM   387 H "HO5'" . DT  B 2 1  ? -8.008  -7.063  -19.636 1.00 0.00 ? 11 DT  B "HO5'" 1 
ATOM   388 P P      . DG  B 2 2  ? -9.292  -0.987  -16.347 1.00 0.00 ? 12 DG  B P      1 
ATOM   389 O OP1    . DG  B 2 2  ? -10.331 -0.185  -17.066 1.00 0.00 ? 12 DG  B OP1    1 
ATOM   390 O OP2    . DG  B 2 2  ? -7.874  -0.652  -16.534 1.00 0.00 ? 12 DG  B OP2    1 
ATOM   391 O "O5'"  . DG  B 2 2  ? -9.649  -0.964  -14.773 1.00 0.00 ? 12 DG  B "O5'"  1 
ATOM   392 C "C5'"  . DG  B 2 2  ? -10.929 -1.262  -14.308 1.00 0.00 ? 12 DG  B "C5'"  1 
ATOM   393 C "C4'"  . DG  B 2 2  ? -11.050 -1.209  -12.793 1.00 0.00 ? 12 DG  B "C4'"  1 
ATOM   394 O "O4'"  . DG  B 2 2  ? -10.496 -2.375  -12.187 1.00 0.00 ? 12 DG  B "O4'"  1 
ATOM   395 C "C3'"  . DG  B 2 2  ? -10.428 0.027   -12.116 1.00 0.00 ? 12 DG  B "C3'"  1 
ATOM   396 O "O3'"  . DG  B 2 2  ? -11.415 0.593   -11.289 1.00 0.00 ? 12 DG  B "O3'"  1 
ATOM   397 C "C2'"  . DG  B 2 2  ? -9.251  -0.634  -11.415 1.00 0.00 ? 12 DG  B "C2'"  1 
ATOM   398 C "C1'"  . DG  B 2 2  ? -9.773  -2.027  -11.066 1.00 0.00 ? 12 DG  B "C1'"  1 
ATOM   399 N N9     . DG  B 2 2  ? -8.752  -3.078  -10.749 1.00 0.00 ? 12 DG  B N9     1 
ATOM   400 C C8     . DG  B 2 2  ? -7.581  -3.429  -11.310 1.00 0.00 ? 12 DG  B C8     1 
ATOM   401 N N7     . DG  B 2 2  ? -7.029  -4.508  -10.888 1.00 0.00 ? 12 DG  B N7     1 
ATOM   402 C C5     . DG  B 2 2  ? -7.947  -4.945  -9.931  1.00 0.00 ? 12 DG  B C5     1 
ATOM   403 C C6     . DG  B 2 2  ? -8.003  -6.133  -9.104  1.00 0.00 ? 12 DG  B C6     1 
ATOM   404 O O6     . DG  B 2 2  ? -7.235  -7.074  -9.027  1.00 0.00 ? 12 DG  B O6     1 
ATOM   405 N N1     . DG  B 2 2  ? -9.100  -6.151  -8.249  1.00 0.00 ? 12 DG  B N1     1 
ATOM   406 C C2     . DG  B 2 2  ? -10.068 -5.248  -8.330  1.00 0.00 ? 12 DG  B C2     1 
ATOM   407 N N2     . DG  B 2 2  ? -11.110 -5.488  -7.533  1.00 0.00 ? 12 DG  B N2     1 
ATOM   408 N N3     . DG  B 2 2  ? -10.145 -4.141  -9.070  1.00 0.00 ? 12 DG  B N3     1 
ATOM   409 C C4     . DG  B 2 2  ? -9.022  -4.025  -9.857  1.00 0.00 ? 12 DG  B C4     1 
ATOM   410 H "H5'"  . DG  B 2 2  ? -11.246 -2.271  -14.575 1.00 0.00 ? 12 DG  B "H5'"  1 
ATOM   411 H "H5''" . DG  B 2 2  ? -11.625 -0.544  -14.743 1.00 0.00 ? 12 DG  B "H5''" 1 
ATOM   412 H "H4'"  . DG  B 2 2  ? -12.108 -1.241  -12.531 1.00 0.00 ? 12 DG  B "H4'"  1 
ATOM   413 H "H3'"  . DG  B 2 2  ? -10.139 0.771   -12.857 1.00 0.00 ? 12 DG  B "H3'"  1 
ATOM   414 H "H2'"  . DG  B 2 2  ? -8.424  -0.731  -12.118 1.00 0.00 ? 12 DG  B "H2'"  1 
ATOM   415 H "H2''" . DG  B 2 2  ? -8.912  -0.100  -10.528 1.00 0.00 ? 12 DG  B "H2''" 1 
ATOM   416 H "H1'"  . DG  B 2 2  ? -10.416 -1.887  -10.197 1.00 0.00 ? 12 DG  B "H1'"  1 
ATOM   417 H H8     . DG  B 2 2  ? -7.192  -2.783  -12.083 1.00 0.00 ? 12 DG  B H8     1 
ATOM   418 H H1     . DG  B 2 2  ? -9.215  -6.944  -7.634  1.00 0.00 ? 12 DG  B H1     1 
ATOM   419 H H21    . DG  B 2 2  ? -11.889 -4.846  -7.518  1.00 0.00 ? 12 DG  B H21    1 
ATOM   420 H H22    . DG  B 2 2  ? -11.128 -6.297  -6.927  1.00 0.00 ? 12 DG  B H22    1 
ATOM   421 P P      . DA  B 2 3  ? -11.129 1.880   -10.328 1.00 0.00 ? 13 DA  B P      1 
ATOM   422 O OP1    . DA  B 2 3  ? -12.334 2.720   -10.339 1.00 0.00 ? 13 DA  B OP1    1 
ATOM   423 O OP2    . DA  B 2 3  ? -9.809  2.489   -10.611 1.00 0.00 ? 13 DA  B OP2    1 
ATOM   424 O "O5'"  . DA  B 2 3  ? -11.099 1.156   -8.881  1.00 0.00 ? 13 DA  B "O5'"  1 
ATOM   425 C "C5'"  . DA  B 2 3  ? -12.198 0.297   -8.511  1.00 0.00 ? 13 DA  B "C5'"  1 
ATOM   426 C "C4'"  . DA  B 2 3  ? -12.141 -0.190  -7.067  1.00 0.00 ? 13 DA  B "C4'"  1 
ATOM   427 O "O4'"  . DA  B 2 3  ? -11.239 -1.268  -7.114  1.00 0.00 ? 13 DA  B "O4'"  1 
ATOM   428 C "C3'"  . DA  B 2 3  ? -11.744 0.876   -6.007  1.00 0.00 ? 13 DA  B "C3'"  1 
ATOM   429 O "O3'"  . DA  B 2 3  ? -12.531 0.754   -4.867  1.00 0.00 ? 13 DA  B "O3'"  1 
ATOM   430 C "C2'"  . DA  B 2 3  ? -10.257 0.477   -5.824  1.00 0.00 ? 13 DA  B "C2'"  1 
ATOM   431 C "C1'"  . DA  B 2 3  ? -10.316 -1.079  -6.088  1.00 0.00 ? 13 DA  B "C1'"  1 
ATOM   432 N N9     . DA  B 2 3  ? -9.007  -1.685  -6.462  1.00 0.00 ? 13 DA  B N9     1 
ATOM   433 C C8     . DA  B 2 3  ? -7.960  -1.128  -7.206  1.00 0.00 ? 13 DA  B C8     1 
ATOM   434 N N7     . DA  B 2 3  ? -6.957  -1.940  -7.488  1.00 0.00 ? 13 DA  B N7     1 
ATOM   435 C C5     . DA  B 2 3  ? -7.324  -3.086  -6.777  1.00 0.00 ? 13 DA  B C5     1 
ATOM   436 C C6     . DA  B 2 3  ? -6.706  -4.352  -6.533  1.00 0.00 ? 13 DA  B C6     1 
ATOM   437 N N6     . DA  B 2 3  ? -5.483  -4.734  -6.828  1.00 0.00 ? 13 DA  B N6     1 
ATOM   438 N N1     . DA  B 2 3  ? -7.338  -5.266  -5.788  1.00 0.00 ? 13 DA  B N1     1 
ATOM   439 C C2     . DA  B 2 3  ? -8.515  -5.012  -5.287  1.00 0.00 ? 13 DA  B C2     1 
ATOM   440 N N3     . DA  B 2 3  ? -9.174  -3.821  -5.331  1.00 0.00 ? 13 DA  B N3     1 
ATOM   441 C C4     . DA  B 2 3  ? -8.550  -2.930  -6.138  1.00 0.00 ? 13 DA  B C4     1 
ATOM   442 H "H5'"  . DA  B 2 3  ? -12.182 -0.558  -9.185  1.00 0.00 ? 13 DA  B "H5'"  1 
ATOM   443 H "H5''" . DA  B 2 3  ? -13.133 0.839   -8.657  1.00 0.00 ? 13 DA  B "H5''" 1 
ATOM   444 H "H4'"  . DA  B 2 3  ? -13.147 -0.517  -6.802  1.00 0.00 ? 13 DA  B "H4'"  1 
ATOM   445 H "H3'"  . DA  B 2 3  ? -11.802 1.901   -6.376  1.00 0.00 ? 13 DA  B "H3'"  1 
ATOM   446 H "H2'"  . DA  B 2 3  ? -9.717  1.043   -6.583  1.00 0.00 ? 13 DA  B "H2'"  1 
ATOM   447 H "H2''" . DA  B 2 3  ? -9.832  0.665   -4.838  1.00 0.00 ? 13 DA  B "H2''" 1 
ATOM   448 H "H1'"  . DA  B 2 3  ? -10.671 -1.623  -5.213  1.00 0.00 ? 13 DA  B "H1'"  1 
ATOM   449 H H8     . DA  B 2 3  ? -7.978  -0.121  -7.597  1.00 0.00 ? 13 DA  B H8     1 
ATOM   450 H H61    . DA  B 2 3  ? -4.886  -4.205  -7.447  1.00 0.00 ? 13 DA  B H61    1 
ATOM   451 H H62    . DA  B 2 3  ? -5.155  -5.606  -6.440  1.00 0.00 ? 13 DA  B H62    1 
ATOM   452 H H2     . DA  B 2 3  ? -8.999  -5.780  -4.703  1.00 0.00 ? 13 DA  B H2     1 
ATOM   453 P P      . DA  B 2 4  ? -12.220 1.539   -3.481  1.00 0.00 ? 14 DA  B P      1 
ATOM   454 O OP1    . DA  B 2 4  ? -13.529 1.979   -2.885  1.00 0.00 ? 14 DA  B OP1    1 
ATOM   455 O OP2    . DA  B 2 4  ? -11.127 2.550   -3.694  1.00 0.00 ? 14 DA  B OP2    1 
ATOM   456 O "O5'"  . DA  B 2 4  ? -11.614 0.329   -2.561  1.00 0.00 ? 14 DA  B "O5'"  1 
ATOM   457 C "C5'"  . DA  B 2 4  ? -12.418 -0.771  -2.111  1.00 0.00 ? 14 DA  B "C5'"  1 
ATOM   458 C "C4'"  . DA  B 2 4  ? -11.636 -1.717  -1.218  1.00 0.00 ? 14 DA  B "C4'"  1 
ATOM   459 O "O4'"  . DA  B 2 4  ? -10.535 -2.286  -1.870  1.00 0.00 ? 14 DA  B "O4'"  1 
ATOM   460 C "C3'"  . DA  B 2 4  ? -11.136 -1.059  0.083   1.00 0.00 ? 14 DA  B "C3'"  1 
ATOM   461 O "O3'"  . DA  B 2 4  ? -11.527 -1.868  1.184   1.00 0.00 ? 14 DA  B "O3'"  1 
ATOM   462 C "C2'"  . DA  B 2 4  ? -9.589  -0.968  -0.152  1.00 0.00 ? 14 DA  B "C2'"  1 
ATOM   463 C "C1'"  . DA  B 2 4  ? -9.418  -2.136  -1.079  1.00 0.00 ? 14 DA  B "C1'"  1 
ATOM   464 N N9     . DA  B 2 4  ? -8.267  -1.973  -2.002  1.00 0.00 ? 14 DA  B N9     1 
ATOM   465 C C8     . DA  B 2 4  ? -8.104  -0.995  -2.919  1.00 0.00 ? 14 DA  B C8     1 
ATOM   466 N N7     . DA  B 2 4  ? -7.048  -1.126  -3.702  1.00 0.00 ? 14 DA  B N7     1 
ATOM   467 C C5     . DA  B 2 4  ? -6.512  -2.366  -3.289  1.00 0.00 ? 14 DA  B C5     1 
ATOM   468 C C6     . DA  B 2 4  ? -5.396  -3.194  -3.614  1.00 0.00 ? 14 DA  B C6     1 
ATOM   469 N N6     . DA  B 2 4  ? -4.490  -2.908  -4.493  1.00 0.00 ? 14 DA  B N6     1 
ATOM   470 N N1     . DA  B 2 4  ? -5.204  -4.368  -3.034  1.00 0.00 ? 14 DA  B N1     1 
ATOM   471 C C2     . DA  B 2 4  ? -6.002  -4.720  -2.043  1.00 0.00 ? 14 DA  B C2     1 
ATOM   472 N N3     . DA  B 2 4  ? -7.071  -4.066  -1.551  1.00 0.00 ? 14 DA  B N3     1 
ATOM   473 C C4     . DA  B 2 4  ? -7.240  -2.874  -2.205  1.00 0.00 ? 14 DA  B C4     1 
ATOM   474 H "H5'"  . DA  B 2 4  ? -12.787 -1.331  -2.970  1.00 0.00 ? 14 DA  B "H5'"  1 
ATOM   475 H "H5''" . DA  B 2 4  ? -13.279 -0.432  -1.534  1.00 0.00 ? 14 DA  B "H5''" 1 
ATOM   476 H "H4'"  . DA  B 2 4  ? -12.246 -2.574  -0.933  1.00 0.00 ? 14 DA  B "H4'"  1 
ATOM   477 H "H3'"  . DA  B 2 4  ? -11.598 -0.087  0.256   1.00 0.00 ? 14 DA  B "H3'"  1 
ATOM   478 H "H2'"  . DA  B 2 4  ? -9.308  -0.047  -0.663  1.00 0.00 ? 14 DA  B "H2'"  1 
ATOM   479 H "H2''" . DA  B 2 4  ? -8.956  -1.146  0.717   1.00 0.00 ? 14 DA  B "H2''" 1 
ATOM   480 H "H1'"  . DA  B 2 4  ? -9.358  -2.997  -0.414  1.00 0.00 ? 14 DA  B "H1'"  1 
ATOM   481 H H8     . DA  B 2 4  ? -8.766  -0.146  -2.998  1.00 0.00 ? 14 DA  B H8     1 
ATOM   482 H H61    . DA  B 2 4  ? -4.576  -2.060  -5.033  1.00 0.00 ? 14 DA  B H61    1 
ATOM   483 H H62    . DA  B 2 4  ? -3.834  -3.630  -4.757  1.00 0.00 ? 14 DA  B H62    1 
ATOM   484 H H2     . DA  B 2 4  ? -5.731  -5.582  -1.452  1.00 0.00 ? 14 DA  B H2     1 
ATOM   485 P P      . DC  B 2 5  ? -11.187 -1.494  2.737   1.00 0.00 ? 15 DC  B P      1 
ATOM   486 O OP1    . DC  B 2 5  ? -12.137 -2.169  3.698   1.00 0.00 ? 15 DC  B OP1    1 
ATOM   487 O OP2    . DC  B 2 5  ? -11.082 -0.009  2.856   1.00 0.00 ? 15 DC  B OP2    1 
ATOM   488 O "O5'"  . DC  B 2 5  ? -9.741  -2.151  2.902   1.00 0.00 ? 15 DC  B "O5'"  1 
ATOM   489 C "C5'"  . DC  B 2 5  ? -9.585  -3.527  3.142   1.00 0.00 ? 15 DC  B "C5'"  1 
ATOM   490 C "C4'"  . DC  B 2 5  ? -8.122  -4.029  3.304   1.00 0.00 ? 15 DC  B "C4'"  1 
ATOM   491 O "O4'"  . DC  B 2 5  ? -7.426  -3.876  2.112   1.00 0.00 ? 15 DC  B "O4'"  1 
ATOM   492 C "C3'"  . DC  B 2 5  ? -7.317  -3.322  4.400   1.00 0.00 ? 15 DC  B "C3'"  1 
ATOM   493 O "O3'"  . DC  B 2 5  ? -7.212  -4.234  5.557   1.00 0.00 ? 15 DC  B "O3'"  1 
ATOM   494 C "C2'"  . DC  B 2 5  ? -5.917  -3.076  3.800   1.00 0.00 ? 15 DC  B "C2'"  1 
ATOM   495 C "C1'"  . DC  B 2 5  ? -6.057  -3.668  2.387   1.00 0.00 ? 15 DC  B "C1'"  1 
ATOM   496 N N1     . DC  B 2 5  ? -5.440  -2.814  1.345   1.00 0.00 ? 15 DC  B N1     1 
ATOM   497 C C2     . DC  B 2 5  ? -4.227  -3.217  0.694   1.00 0.00 ? 15 DC  B C2     1 
ATOM   498 O O2     . DC  B 2 5  ? -3.567  -4.157  1.114   1.00 0.00 ? 15 DC  B O2     1 
ATOM   499 N N3     . DC  B 2 5  ? -3.731  -2.540  -0.352  1.00 0.00 ? 15 DC  B N3     1 
ATOM   500 C C4     . DC  B 2 5  ? -4.370  -1.444  -0.753  1.00 0.00 ? 15 DC  B C4     1 
ATOM   501 N N4     . DC  B 2 5  ? -3.877  -0.799  -1.766  1.00 0.00 ? 15 DC  B N4     1 
ATOM   502 C C5     . DC  B 2 5  ? -5.534  -0.958  -0.137  1.00 0.00 ? 15 DC  B C5     1 
ATOM   503 C C6     . DC  B 2 5  ? -6.000  -1.662  0.930   1.00 0.00 ? 15 DC  B C6     1 
ATOM   504 H "H5'"  . DC  B 2 5  ? -10.064 -4.064  2.323   1.00 0.00 ? 15 DC  B "H5'"  1 
ATOM   505 H "H5''" . DC  B 2 5  ? -10.153 -3.762  4.042   1.00 0.00 ? 15 DC  B "H5''" 1 
ATOM   506 H "H4'"  . DC  B 2 5  ? -8.136  -5.081  3.590   1.00 0.00 ? 15 DC  B "H4'"  1 
ATOM   507 H "H3'"  . DC  B 2 5  ? -7.743  -2.363  4.695   1.00 0.00 ? 15 DC  B "H3'"  1 
ATOM   508 H "H2'"  . DC  B 2 5  ? -5.774  -1.996  3.811   1.00 0.00 ? 15 DC  B "H2'"  1 
ATOM   509 H "H2''" . DC  B 2 5  ? -5.134  -3.674  4.264   1.00 0.00 ? 15 DC  B "H2''" 1 
ATOM   510 H "H1'"  . DC  B 2 5  ? -5.593  -4.653  2.442   1.00 0.00 ? 15 DC  B "H1'"  1 
ATOM   511 H H41    . DC  B 2 5  ? -4.323  0.031   -2.129  1.00 0.00 ? 15 DC  B H41    1 
ATOM   512 H H42    . DC  B 2 5  ? -3.117  -1.242  -2.263  1.00 0.00 ? 15 DC  B H42    1 
ATOM   513 H H5     . DC  B 2 5  ? -6.063  -0.071  -0.455  1.00 0.00 ? 15 DC  B H5     1 
ATOM   514 H H6     . DC  B 2 5  ? -6.879  -1.323  1.459   1.00 0.00 ? 15 DC  B H6     1 
ATOM   515 P P      . DC  B 2 6  ? -6.428  -3.823  6.923   1.00 0.00 ? 16 DC  B P      1 
ATOM   516 O OP1    . DC  B 2 6  ? -6.975  -4.619  8.025   1.00 0.00 ? 16 DC  B OP1    1 
ATOM   517 O OP2    . DC  B 2 6  ? -6.510  -2.343  7.057   1.00 0.00 ? 16 DC  B OP2    1 
ATOM   518 O "O5'"  . DC  B 2 6  ? -4.881  -4.295  6.712   1.00 0.00 ? 16 DC  B "O5'"  1 
ATOM   519 C "C5'"  . DC  B 2 6  ? -3.763  -3.478  7.157   1.00 0.00 ? 16 DC  B "C5'"  1 
ATOM   520 C "C4'"  . DC  B 2 6  ? -2.466  -4.082  6.625   1.00 0.00 ? 16 DC  B "C4'"  1 
ATOM   521 O "O4'"  . DC  B 2 6  ? -2.358  -3.932  5.231   1.00 0.00 ? 16 DC  B "O4'"  1 
ATOM   522 C "C3'"  . DC  B 2 6  ? -1.264  -3.316  7.237   1.00 0.00 ? 16 DC  B "C3'"  1 
ATOM   523 O "O3'"  . DC  B 2 6  ? -0.037  -4.003  7.182   1.00 0.00 ? 16 DC  B "O3'"  1 
ATOM   524 C "C2'"  . DC  B 2 6  ? -1.152  -2.158  6.239   1.00 0.00 ? 16 DC  B "C2'"  1 
ATOM   525 C "C1'"  . DC  B 2 6  ? -1.392  -2.893  4.897   1.00 0.00 ? 16 DC  B "C1'"  1 
ATOM   526 N N1     . DC  B 2 6  ? -1.848  -2.071  3.781   1.00 0.00 ? 16 DC  B N1     1 
ATOM   527 C C2     . DC  B 2 6  ? -1.107  -1.893  2.621   1.00 0.00 ? 16 DC  B C2     1 
ATOM   528 O O2     . DC  B 2 6  ? -0.042  -2.441  2.437   1.00 0.00 ? 16 DC  B O2     1 
ATOM   529 N N3     . DC  B 2 6  ? -1.416  -0.983  1.666   1.00 0.00 ? 16 DC  B N3     1 
ATOM   530 C C4     . DC  B 2 6  ? -2.476  -0.221  1.924   1.00 0.00 ? 16 DC  B C4     1 
ATOM   531 N N4     . DC  B 2 6  ? -2.590  0.699   0.992   1.00 0.00 ? 16 DC  B N4     1 
ATOM   532 C C5     . DC  B 2 6  ? -3.289  -0.306  3.067   1.00 0.00 ? 16 DC  B C5     1 
ATOM   533 C C6     . DC  B 2 6  ? -2.933  -1.319  3.959   1.00 0.00 ? 16 DC  B C6     1 
ATOM   534 H "H5'"  . DC  B 2 6  ? -3.764  -3.434  8.246   1.00 0.00 ? 16 DC  B "H5'"  1 
ATOM   535 H "H5''" . DC  B 2 6  ? -3.880  -2.462  6.779   1.00 0.00 ? 16 DC  B "H5''" 1 
ATOM   536 H "H4'"  . DC  B 2 6  ? -2.457  -5.121  6.951   1.00 0.00 ? 16 DC  B "H4'"  1 
ATOM   537 H "H3'"  . DC  B 2 6  ? -1.553  -2.933  8.216   1.00 0.00 ? 16 DC  B "H3'"  1 
ATOM   538 H "H2'"  . DC  B 2 6  ? -1.956  -1.464  6.482   1.00 0.00 ? 16 DC  B "H2'"  1 
ATOM   539 H "H2''" . DC  B 2 6  ? -0.160  -1.717  6.328   1.00 0.00 ? 16 DC  B "H2''" 1 
ATOM   540 H "H1'"  . DC  B 2 6  ? -0.458  -3.397  4.653   1.00 0.00 ? 16 DC  B "H1'"  1 
ATOM   541 H H41    . DC  B 2 6  ? -3.248  1.459   1.096   1.00 0.00 ? 16 DC  B H41    1 
ATOM   542 H H42    . DC  B 2 6  ? -1.932  0.769   0.230   1.00 0.00 ? 16 DC  B H42    1 
ATOM   543 H H5     . DC  B 2 6  ? -4.129  0.355   3.221   1.00 0.00 ? 16 DC  B H5     1 
ATOM   544 H H6     . DC  B 2 6  ? -3.517  -1.524  4.844   1.00 0.00 ? 16 DC  B H6     1 
ATOM   545 P P      . DT  B 2 7  ? 0.565   -4.804  8.481   1.00 0.00 ? 17 DT  B P      1 
ATOM   546 O OP1    . DT  B 2 7  ? 0.805   -6.195  8.079   1.00 0.00 ? 17 DT  B OP1    1 
ATOM   547 O OP2    . DT  B 2 7  ? -0.214  -4.486  9.705   1.00 0.00 ? 17 DT  B OP2    1 
ATOM   548 O "O5'"  . DT  B 2 7  ? 2.027   -4.116  8.594   1.00 0.00 ? 17 DT  B "O5'"  1 
ATOM   549 C "C5'"  . DT  B 2 7  ? 2.191   -2.759  8.936   1.00 0.00 ? 17 DT  B "C5'"  1 
ATOM   550 C "C4'"  . DT  B 2 7  ? 3.641   -2.280  8.720   1.00 0.00 ? 17 DT  B "C4'"  1 
ATOM   551 O "O4'"  . DT  B 2 7  ? 3.637   -1.222  7.770   1.00 0.00 ? 17 DT  B "O4'"  1 
ATOM   552 C "C3'"  . DT  B 2 7  ? 4.375   -1.744  9.994   1.00 0.00 ? 17 DT  B "C3'"  1 
ATOM   553 O "O3'"  . DT  B 2 7  ? 5.761   -2.103  9.885   1.00 0.00 ? 17 DT  B "O3'"  1 
ATOM   554 C "C2'"  . DT  B 2 7  ? 4.113   -0.219  9.833   1.00 0.00 ? 17 DT  B "C2'"  1 
ATOM   555 C "C1'"  . DT  B 2 7  ? 4.249   -0.091  8.293   1.00 0.00 ? 17 DT  B "C1'"  1 
ATOM   556 N N1     . DT  B 2 7  ? 3.623   1.114   7.727   1.00 0.00 ? 17 DT  B N1     1 
ATOM   557 C C2     . DT  B 2 7  ? 4.389   1.729   6.721   1.00 0.00 ? 17 DT  B C2     1 
ATOM   558 O O2     . DT  B 2 7  ? 5.451   1.306   6.245   1.00 0.00 ? 17 DT  B O2     1 
ATOM   559 N N3     . DT  B 2 7  ? 3.859   2.871   6.181   1.00 0.00 ? 17 DT  B N3     1 
ATOM   560 C C4     . DT  B 2 7  ? 2.692   3.510   6.545   1.00 0.00 ? 17 DT  B C4     1 
ATOM   561 O O4     . DT  B 2 7  ? 2.336   4.500   5.933   1.00 0.00 ? 17 DT  B O4     1 
ATOM   562 C C5     . DT  B 2 7  ? 2.010   2.842   7.675   1.00 0.00 ? 17 DT  B C5     1 
ATOM   563 C C7     . DT  B 2 7  ? 0.716   3.459   8.253   1.00 0.00 ? 17 DT  B C7     1 
ATOM   564 C C6     . DT  B 2 7  ? 2.464   1.654   8.171   1.00 0.00 ? 17 DT  B C6     1 
ATOM   565 H "H5'"  . DT  B 2 7  ? 1.810   -2.614  9.946   1.00 0.00 ? 17 DT  B "H5'"  1 
ATOM   566 H "H5''" . DT  B 2 7  ? 1.562   -2.128  8.309   1.00 0.00 ? 17 DT  B "H5''" 1 
ATOM   567 H "H4'"  . DT  B 2 7  ? 4.214   -3.138  8.370   1.00 0.00 ? 17 DT  B "H4'"  1 
ATOM   568 H "H3'"  . DT  B 2 7  ? 3.924   -2.162  10.894  1.00 0.00 ? 17 DT  B "H3'"  1 
ATOM   569 H "H2'"  . DT  B 2 7  ? 3.135   0.066   10.219  1.00 0.00 ? 17 DT  B "H2'"  1 
ATOM   570 H "H2''" . DT  B 2 7  ? 4.881   0.387   10.314  1.00 0.00 ? 17 DT  B "H2''" 1 
ATOM   571 H "H1'"  . DT  B 2 7  ? 5.282   -0.151  7.948   1.00 0.00 ? 17 DT  B "H1'"  1 
ATOM   572 H H3     . DT  B 2 7  ? 4.312   3.137   5.318   1.00 0.00 ? 17 DT  B H3     1 
ATOM   573 H H71    . DT  B 2 7  ? -0.122  3.394   7.560   1.00 0.00 ? 17 DT  B H71    1 
ATOM   574 H H72    . DT  B 2 7  ? 0.401   2.913   9.141   1.00 0.00 ? 17 DT  B H72    1 
ATOM   575 H H73    . DT  B 2 7  ? 0.818   4.511   8.520   1.00 0.00 ? 17 DT  B H73    1 
ATOM   576 H H6     . DT  B 2 7  ? 1.856   1.100   8.870   1.00 0.00 ? 17 DT  B H6     1 
ATOM   577 P P      . DT  B 2 8  ? 6.777   -1.892  11.118  1.00 0.00 ? 18 DT  B P      1 
ATOM   578 O OP1    . DT  B 2 8  ? 7.454   -3.199  11.343  1.00 0.00 ? 18 DT  B OP1    1 
ATOM   579 O OP2    . DT  B 2 8  ? 6.055   -1.282  12.261  1.00 0.00 ? 18 DT  B OP2    1 
ATOM   580 O "O5'"  . DT  B 2 8  ? 7.799   -0.875  10.508  1.00 0.00 ? 18 DT  B "O5'"  1 
ATOM   581 C "C5'"  . DT  B 2 8  ? 8.759   -1.233  9.516   1.00 0.00 ? 18 DT  B "C5'"  1 
ATOM   582 C "C4'"  . DT  B 2 8  ? 9.608   -0.076  9.017   1.00 0.00 ? 18 DT  B "C4'"  1 
ATOM   583 O "O4'"  . DT  B 2 8  ? 8.830   0.861   8.325   1.00 0.00 ? 18 DT  B "O4'"  1 
ATOM   584 C "C3'"  . DT  B 2 8  ? 10.449  0.697   10.016  1.00 0.00 ? 18 DT  B "C3'"  1 
ATOM   585 O "O3'"  . DT  B 2 8  ? 11.730  1.091   9.564   1.00 0.00 ? 18 DT  B "O3'"  1 
ATOM   586 C "C2'"  . DT  B 2 8  ? 9.680   1.967   10.212  1.00 0.00 ? 18 DT  B "C2'"  1 
ATOM   587 C "C1'"  . DT  B 2 8  ? 9.204   2.149   8.739   1.00 0.00 ? 18 DT  B "C1'"  1 
ATOM   588 N N1     . DT  B 2 8  ? 8.072   3.089   8.634   1.00 0.00 ? 18 DT  B N1     1 
ATOM   589 C C2     . DT  B 2 8  ? 8.227   4.237   7.858   1.00 0.00 ? 18 DT  B C2     1 
ATOM   590 O O2     . DT  B 2 8  ? 9.250   4.484   7.214   1.00 0.00 ? 18 DT  B O2     1 
ATOM   591 N N3     . DT  B 2 8  ? 7.166   5.085   7.771   1.00 0.00 ? 18 DT  B N3     1 
ATOM   592 C C4     . DT  B 2 8  ? 5.936   4.938   8.417   1.00 0.00 ? 18 DT  B C4     1 
ATOM   593 O O4     . DT  B 2 8  ? 5.047   5.775   8.176   1.00 0.00 ? 18 DT  B O4     1 
ATOM   594 C C5     . DT  B 2 8  ? 5.845   3.766   9.262   1.00 0.00 ? 18 DT  B C5     1 
ATOM   595 C C7     . DT  B 2 8  ? 4.592   3.556   10.172  1.00 0.00 ? 18 DT  B C7     1 
ATOM   596 C C6     . DT  B 2 8  ? 6.893   2.894   9.353   1.00 0.00 ? 18 DT  B C6     1 
ATOM   597 H "H5'"  . DT  B 2 8  ? 8.255   -1.604  8.624   1.00 0.00 ? 18 DT  B "H5'"  1 
ATOM   598 H "H5''" . DT  B 2 8  ? 9.391   -2.053  9.857   1.00 0.00 ? 18 DT  B "H5''" 1 
ATOM   599 H "H4'"  . DT  B 2 8  ? 10.297  -0.426  8.248   1.00 0.00 ? 18 DT  B "H4'"  1 
ATOM   600 H "H3'"  . DT  B 2 8  ? 10.599  0.199   10.974  1.00 0.00 ? 18 DT  B "H3'"  1 
ATOM   601 H "H2'"  . DT  B 2 8  ? 8.864   1.769   10.906  1.00 0.00 ? 18 DT  B "H2'"  1 
ATOM   602 H "H2''" . DT  B 2 8  ? 10.310  2.798   10.528  1.00 0.00 ? 18 DT  B "H2''" 1 
ATOM   603 H "H1'"  . DT  B 2 8  ? 10.046  2.469   8.126   1.00 0.00 ? 18 DT  B "H1'"  1 
ATOM   604 H H3     . DT  B 2 8  ? 7.222   5.890   7.163   1.00 0.00 ? 18 DT  B H3     1 
ATOM   605 H H71    . DT  B 2 8  ? 3.663   3.607   9.605   1.00 0.00 ? 18 DT  B H71    1 
ATOM   606 H H72    . DT  B 2 8  ? 4.650   4.443   10.802  1.00 0.00 ? 18 DT  B H72    1 
ATOM   607 H H73    . DT  B 2 8  ? 4.621   2.685   10.826  1.00 0.00 ? 18 DT  B H73    1 
ATOM   608 H H6     . DT  B 2 8  ? 6.810   1.952   9.875   1.00 0.00 ? 18 DT  B H6     1 
ATOM   609 P P      . DA  B 2 9  ? 12.997  0.158   9.399   1.00 0.00 ? 19 DA  B P      1 
ATOM   610 O OP1    . DA  B 2 9  ? 12.611  -1.140  8.782   1.00 0.00 ? 19 DA  B OP1    1 
ATOM   611 O OP2    . DA  B 2 9  ? 13.732  0.183   10.717  1.00 0.00 ? 19 DA  B OP2    1 
ATOM   612 O "O5'"  . DA  B 2 9  ? 13.874  0.968   8.345   1.00 0.00 ? 19 DA  B "O5'"  1 
ATOM   613 C "C5'"  . DA  B 2 9  ? 14.571  2.160   8.741   1.00 0.00 ? 19 DA  B "C5'"  1 
ATOM   614 C "C4'"  . DA  B 2 9  ? 14.773  3.093   7.583   1.00 0.00 ? 19 DA  B "C4'"  1 
ATOM   615 O "O4'"  . DA  B 2 9  ? 13.636  3.896   7.249   1.00 0.00 ? 19 DA  B "O4'"  1 
ATOM   616 C "C3'"  . DA  B 2 9  ? 15.882  4.115   7.885   1.00 0.00 ? 19 DA  B "C3'"  1 
ATOM   617 O "O3'"  . DA  B 2 9  ? 16.511  4.468   6.662   1.00 0.00 ? 19 DA  B "O3'"  1 
ATOM   618 C "C2'"  . DA  B 2 9  ? 15.040  5.252   8.558   1.00 0.00 ? 19 DA  B "C2'"  1 
ATOM   619 C "C1'"  . DA  B 2 9  ? 13.745  5.206   7.753   1.00 0.00 ? 19 DA  B "C1'"  1 
ATOM   620 N N9     . DA  B 2 9  ? 12.568  5.619   8.587   1.00 0.00 ? 19 DA  B N9     1 
ATOM   621 C C8     . DA  B 2 9  ? 12.176  5.312   9.878   1.00 0.00 ? 19 DA  B C8     1 
ATOM   622 N N7     . DA  B 2 9  ? 11.080  5.883   10.341  1.00 0.00 ? 19 DA  B N7     1 
ATOM   623 C C5     . DA  B 2 9  ? 10.700  6.668   9.231   1.00 0.00 ? 19 DA  B C5     1 
ATOM   624 C C6     . DA  B 2 9  ? 9.643   7.600   9.032   1.00 0.00 ? 19 DA  B C6     1 
ATOM   625 N N6     . DA  B 2 9  ? 8.712   7.943   9.890   1.00 0.00 ? 19 DA  B N6     1 
ATOM   626 N N1     . DA  B 2 9  ? 9.554   8.261   7.888   1.00 0.00 ? 19 DA  B N1     1 
ATOM   627 C C2     . DA  B 2 9  ? 10.478  8.017   6.956   1.00 0.00 ? 19 DA  B C2     1 
ATOM   628 N N3     . DA  B 2 9  ? 11.530  7.200   6.989   1.00 0.00 ? 19 DA  B N3     1 
ATOM   629 C C4     . DA  B 2 9  ? 11.628  6.598   8.224   1.00 0.00 ? 19 DA  B C4     1 
ATOM   630 H "H5'"  . DA  B 2 9  ? 15.544  1.865   9.136   1.00 0.00 ? 19 DA  B "H5'"  1 
ATOM   631 H "H5''" . DA  B 2 9  ? 14.049  2.670   9.550   1.00 0.00 ? 19 DA  B "H5''" 1 
ATOM   632 H "H4'"  . DA  B 2 9  ? 15.087  2.452   6.760   1.00 0.00 ? 19 DA  B "H4'"  1 
ATOM   633 H "H3'"  . DA  B 2 9  ? 16.643  3.663   8.521   1.00 0.00 ? 19 DA  B "H3'"  1 
ATOM   634 H "H2'"  . DA  B 2 9  ? 14.863  4.929   9.583   1.00 0.00 ? 19 DA  B "H2'"  1 
ATOM   635 H "H2''" . DA  B 2 9  ? 15.618  6.169   8.444   1.00 0.00 ? 19 DA  B "H2''" 1 
ATOM   636 H "H1'"  . DA  B 2 9  ? 13.927  5.882   6.918   1.00 0.00 ? 19 DA  B "H1'"  1 
ATOM   637 H H8     . DA  B 2 9  ? 12.765  4.621   10.463  1.00 0.00 ? 19 DA  B H8     1 
ATOM   638 H H61    . DA  B 2 9  ? 8.811   7.578   10.826  1.00 0.00 ? 19 DA  B H61    1 
ATOM   639 H H62    . DA  B 2 9  ? 8.018   8.629   9.633   1.00 0.00 ? 19 DA  B H62    1 
ATOM   640 H H2     . DA  B 2 9  ? 10.366  8.562   6.031   1.00 0.00 ? 19 DA  B H2     1 
ATOM   641 P P      . DG  B 2 10 ? 17.730  5.513   6.597   1.00 0.00 ? 20 DG  B P      1 
ATOM   642 O OP1    . DG  B 2 10 ? 18.605  5.152   5.426   1.00 0.00 ? 20 DG  B OP1    1 
ATOM   643 O OP2    . DG  B 2 10 ? 18.344  5.648   7.954   1.00 0.00 ? 20 DG  B OP2    1 
ATOM   644 O "O5'"  . DG  B 2 10 ? 16.985  6.925   6.349   1.00 0.00 ? 20 DG  B "O5'"  1 
ATOM   645 C "C5'"  . DG  B 2 10 ? 16.476  7.235   5.052   1.00 0.00 ? 20 DG  B "C5'"  1 
ATOM   646 C "C4'"  . DG  B 2 10 ? 16.025  8.734   5.032   1.00 0.00 ? 20 DG  B "C4'"  1 
ATOM   647 O "O4'"  . DG  B 2 10 ? 14.832  8.862   5.813   1.00 0.00 ? 20 DG  B "O4'"  1 
ATOM   648 C "C3'"  . DG  B 2 10 ? 17.068  9.677   5.635   1.00 0.00 ? 20 DG  B "C3'"  1 
ATOM   649 O "O3'"  . DG  B 2 10 ? 17.423  10.682  4.721   1.00 0.00 ? 20 DG  B "O3'"  1 
ATOM   650 C "C2'"  . DG  B 2 10 ? 16.321  10.434  6.773   1.00 0.00 ? 20 DG  B "C2'"  1 
ATOM   651 C "C1'"  . DG  B 2 10 ? 14.832  10.147  6.425   1.00 0.00 ? 20 DG  B "C1'"  1 
ATOM   652 N N9     . DG  B 2 10 ? 13.955  10.026  7.596   1.00 0.00 ? 20 DG  B N9     1 
ATOM   653 C C8     . DG  B 2 10 ? 14.118  9.287   8.733   1.00 0.00 ? 20 DG  B C8     1 
ATOM   654 N N7     . DG  B 2 10 ? 13.191  9.441   9.649   1.00 0.00 ? 20 DG  B N7     1 
ATOM   655 C C5     . DG  B 2 10 ? 12.272  10.283  9.020   1.00 0.00 ? 20 DG  B C5     1 
ATOM   656 C C6     . DG  B 2 10 ? 11.030  10.863  9.478   1.00 0.00 ? 20 DG  B C6     1 
ATOM   657 O O6     . DG  B 2 10 ? 10.449  10.659  10.544  1.00 0.00 ? 20 DG  B O6     1 
ATOM   658 N N1     . DG  B 2 10 ? 10.435  11.759  8.572   1.00 0.00 ? 20 DG  B N1     1 
ATOM   659 C C2     . DG  B 2 10 ? 10.982  12.020  7.322   1.00 0.00 ? 20 DG  B C2     1 
ATOM   660 N N2     . DG  B 2 10 ? 10.258  12.884  6.594   1.00 0.00 ? 20 DG  B N2     1 
ATOM   661 N N3     . DG  B 2 10 ? 12.126  11.501  6.881   1.00 0.00 ? 20 DG  B N3     1 
ATOM   662 C C4     . DG  B 2 10 ? 12.710  10.658  7.758   1.00 0.00 ? 20 DG  B C4     1 
ATOM   663 H "H5'"  . DG  B 2 10 ? 15.648  6.578   4.784   1.00 0.00 ? 20 DG  B "H5'"  1 
ATOM   664 H "H5''" . DG  B 2 10 ? 17.271  7.202   4.308   1.00 0.00 ? 20 DG  B "H5''" 1 
ATOM   665 H "H4'"  . DG  B 2 10 ? 15.798  8.960   3.991   1.00 0.00 ? 20 DG  B "H4'"  1 
ATOM   666 H "H3'"  . DG  B 2 10 ? 17.946  9.147   6.006   1.00 0.00 ? 20 DG  B "H3'"  1 
ATOM   667 H "HO3'" . DG  B 2 10 ? 17.947  11.341  5.182   1.00 0.00 ? 20 DG  B "HO3'" 1 
ATOM   668 H "H2'"  . DG  B 2 10 ? 16.591  9.977   7.724   1.00 0.00 ? 20 DG  B "H2'"  1 
ATOM   669 H "H2''" . DG  B 2 10 ? 16.561  11.496  6.757   1.00 0.00 ? 20 DG  B "H2''" 1 
ATOM   670 H "H1'"  . DG  B 2 10 ? 14.436  10.882  5.724   1.00 0.00 ? 20 DG  B "H1'"  1 
ATOM   671 H H8     . DG  B 2 10 ? 15.001  8.685   8.886   1.00 0.00 ? 20 DG  B H8     1 
ATOM   672 H H1     . DG  B 2 10 ? 9.575   12.227  8.822   1.00 0.00 ? 20 DG  B H1     1 
ATOM   673 H H21    . DG  B 2 10 ? 10.591  13.130  5.673   1.00 0.00 ? 20 DG  B H21    1 
ATOM   674 H H22    . DG  B 2 10 ? 9.461   13.338  7.017   1.00 0.00 ? 20 DG  B H22    1 
# 
